data_5IO1
#
_entry.id   5IO1
#
_cell.length_a   74.138
_cell.length_b   53.675
_cell.length_c   110.144
_cell.angle_alpha   90.000
_cell.angle_beta   96.880
_cell.angle_gamma   90.000
#
_symmetry.space_group_name_H-M   'P 1 21 1'
#
loop_
_entity.id
_entity.type
_entity.pdbx_description
1 polymer Alpha-1-antitrypsin
2 non-polymer 2-acetamido-2-deoxy-beta-D-glucopyranose
3 water water
#
_entity_poly.entity_id   1
_entity_poly.type   'polypeptide(L)'
_entity_poly.pdbx_seq_one_letter_code
;RSHHHHHHGDAAQKTDTSHHDQDHPTFNKITPNLAEFAFSLYRQLAHQSNSTNIFFSPVSIATAFAMLSLGTKADTHDEI
LEGLNFNLTEIPEAQIHEGFQELLRTLNQPDSQLQLTTGNGLFLSEGLKLVDKFLEDVKKLYHSEAFTVNFGDTEEAKKQ
INDYVEKGTQGKIVDLVKELDRDTVFALVNYIFFKGKWERPFEVKDTEEEDFHVDQVTTVKVPMMKRLGMFNIQHCKKLS
SWVLLMKYLGNATAIFFLPDEGKLQHLENELTHDIITKFLENEDRRSASLHLPKLSITGTYDLKSVLGQLGITKVFSNGA
DLSGVTEEAPLKLSKAVHKAVLTIDKKGCEAAGAMFLEAIPRSIPPEVKFNKPFVFLMIEQNTKSPLFMGKVVNPTQK
;
_entity_poly.pdbx_strand_id   A,B
#
# COMPACT_ATOMS: atom_id res chain seq x y z
N ASN A 28 30.02 -14.18 -15.98
CA ASN A 28 29.40 -13.08 -15.20
C ASN A 28 29.51 -13.32 -13.69
N LYS A 29 30.31 -12.50 -13.02
CA LYS A 29 30.65 -12.71 -11.61
C LYS A 29 29.69 -11.98 -10.65
N ILE A 30 28.87 -11.08 -11.19
CA ILE A 30 27.95 -10.29 -10.35
C ILE A 30 26.60 -10.97 -10.12
N THR A 31 26.37 -12.10 -10.77
CA THR A 31 25.10 -12.84 -10.65
C THR A 31 24.76 -13.26 -9.21
N PRO A 32 25.71 -13.90 -8.50
CA PRO A 32 25.40 -14.32 -7.13
C PRO A 32 25.10 -13.17 -6.17
N ASN A 33 25.60 -11.97 -6.48
CA ASN A 33 25.26 -10.77 -5.71
C ASN A 33 23.84 -10.30 -6.01
N LEU A 34 23.48 -10.29 -7.29
CA LEU A 34 22.11 -9.98 -7.71
C LEU A 34 21.13 -11.00 -7.18
N ALA A 35 21.54 -12.26 -7.15
CA ALA A 35 20.71 -13.34 -6.62
C ALA A 35 20.44 -13.13 -5.13
N GLU A 36 21.50 -12.88 -4.37
CA GLU A 36 21.35 -12.65 -2.91
C GLU A 36 20.69 -11.31 -2.61
N PHE A 37 20.87 -10.33 -3.51
CA PHE A 37 20.13 -9.06 -3.42
C PHE A 37 18.64 -9.30 -3.64
N ALA A 38 18.32 -10.19 -4.57
CA ALA A 38 16.93 -10.52 -4.86
C ALA A 38 16.22 -11.12 -3.66
N PHE A 39 16.90 -12.05 -2.97
CA PHE A 39 16.30 -12.74 -1.83
C PHE A 39 16.12 -11.82 -0.63
N SER A 40 17.12 -10.99 -0.35
CA SER A 40 17.03 -10.02 0.74
C SER A 40 15.92 -9.01 0.46
N LEU A 41 15.85 -8.55 -0.79
CA LEU A 41 14.81 -7.61 -1.21
C LEU A 41 13.43 -8.27 -1.18
N TYR A 42 13.37 -9.55 -1.51
CA TYR A 42 12.12 -10.29 -1.48
C TYR A 42 11.64 -10.50 -0.04
N ARG A 43 12.52 -11.05 0.80
CA ARG A 43 12.18 -11.33 2.19
C ARG A 43 11.86 -10.07 2.97
N GLN A 44 12.41 -8.94 2.53
CA GLN A 44 12.04 -7.62 3.05
C GLN A 44 10.55 -7.36 2.80
N LEU A 45 10.12 -7.59 1.55
CA LEU A 45 8.72 -7.38 1.17
C LEU A 45 7.79 -8.45 1.73
N ALA A 46 8.28 -9.68 1.84
CA ALA A 46 7.51 -10.77 2.44
C ALA A 46 7.30 -10.54 3.93
N HIS A 47 8.27 -9.92 4.58
CA HIS A 47 8.17 -9.58 6.00
C HIS A 47 7.14 -8.47 6.24
N GLN A 48 7.10 -7.49 5.34
CA GLN A 48 6.14 -6.39 5.43
C GLN A 48 4.70 -6.90 5.40
N SER A 49 4.29 -7.44 4.26
CA SER A 49 2.91 -7.88 4.05
C SER A 49 2.85 -9.40 3.92
N ASN A 50 1.88 -10.01 4.62
CA ASN A 50 1.68 -11.44 4.59
C ASN A 50 0.87 -11.90 3.38
N SER A 51 -0.12 -11.08 2.99
CA SER A 51 -1.08 -11.46 1.95
C SER A 51 -1.20 -10.39 0.84
N THR A 52 -0.07 -10.02 0.27
CA THR A 52 -0.03 -9.12 -0.88
C THR A 52 0.91 -9.70 -1.92
N ASN A 53 0.60 -9.49 -3.19
CA ASN A 53 1.45 -9.95 -4.27
C ASN A 53 2.80 -9.25 -4.24
N ILE A 54 3.86 -10.05 -4.27
CA ILE A 54 5.21 -9.52 -4.40
C ILE A 54 5.62 -9.77 -5.85
N PHE A 55 6.18 -8.74 -6.49
CA PHE A 55 6.75 -8.89 -7.83
C PHE A 55 7.62 -7.70 -8.20
N PHE A 56 8.91 -7.95 -8.38
CA PHE A 56 9.85 -6.91 -8.75
C PHE A 56 10.95 -7.48 -9.62
N SER A 57 11.81 -6.61 -10.13
CA SER A 57 12.95 -7.02 -10.92
C SER A 57 14.23 -6.58 -10.22
N PRO A 58 14.90 -7.51 -9.53
CA PRO A 58 16.12 -7.13 -8.81
C PRO A 58 17.26 -6.73 -9.76
N VAL A 59 17.23 -7.23 -10.98
CA VAL A 59 18.20 -6.82 -12.00
C VAL A 59 18.01 -5.36 -12.34
N SER A 60 16.78 -4.97 -12.67
CA SER A 60 16.49 -3.59 -13.08
C SER A 60 16.70 -2.61 -11.92
N ILE A 61 16.25 -3.00 -10.73
CA ILE A 61 16.43 -2.18 -9.52
C ILE A 61 17.92 -2.01 -9.22
N ALA A 62 18.67 -3.10 -9.26
CA ALA A 62 20.11 -3.04 -9.04
C ALA A 62 20.76 -2.17 -10.10
N THR A 63 20.38 -2.42 -11.36
CA THR A 63 20.88 -1.63 -12.48
C THR A 63 20.62 -0.14 -12.25
N ALA A 64 19.39 0.18 -11.85
CA ALA A 64 18.99 1.55 -11.57
C ALA A 64 19.95 2.24 -10.61
N PHE A 65 20.26 1.55 -9.51
CA PHE A 65 21.09 2.13 -8.46
C PHE A 65 22.58 1.89 -8.70
N ALA A 66 22.92 0.88 -9.49
CA ALA A 66 24.29 0.71 -9.97
C ALA A 66 24.64 1.85 -10.91
N MET A 67 23.66 2.28 -11.71
CA MET A 67 23.81 3.45 -12.57
C MET A 67 23.91 4.72 -11.74
N LEU A 68 23.06 4.82 -10.74
CA LEU A 68 23.07 5.97 -9.83
C LEU A 68 24.37 6.06 -9.05
N SER A 69 25.00 4.90 -8.82
CA SER A 69 26.27 4.82 -8.10
C SER A 69 27.39 5.63 -8.76
N LEU A 70 27.27 5.88 -10.06
CA LEU A 70 28.21 6.73 -10.78
C LEU A 70 28.12 8.19 -10.32
N GLY A 71 26.89 8.66 -10.11
CA GLY A 71 26.65 10.02 -9.67
C GLY A 71 27.00 10.29 -8.22
N THR A 72 27.04 9.25 -7.40
CA THR A 72 27.36 9.38 -5.99
C THR A 72 28.85 9.21 -5.73
N LYS A 73 29.27 9.60 -4.53
CA LYS A 73 30.67 9.47 -4.11
C LYS A 73 30.77 9.22 -2.61
N ALA A 74 31.99 8.91 -2.15
CA ALA A 74 32.28 8.73 -0.72
C ALA A 74 31.42 7.64 -0.07
N ASP A 75 30.84 7.93 1.10
CA ASP A 75 30.01 6.96 1.84
C ASP A 75 28.69 6.64 1.13
N THR A 76 28.10 7.64 0.47
CA THR A 76 26.86 7.45 -0.29
C THR A 76 27.07 6.39 -1.38
N HIS A 77 28.21 6.47 -2.05
CA HIS A 77 28.61 5.49 -3.08
C HIS A 77 28.77 4.09 -2.47
N ASP A 78 29.51 4.02 -1.37
CA ASP A 78 29.78 2.73 -0.70
C ASP A 78 28.50 2.11 -0.11
N GLU A 79 27.60 2.96 0.39
CA GLU A 79 26.36 2.49 1.01
C GLU A 79 25.41 1.87 -0.01
N ILE A 80 25.44 2.36 -1.25
CA ILE A 80 24.57 1.86 -2.31
C ILE A 80 24.98 0.44 -2.72
N LEU A 81 26.22 0.28 -3.12
CA LEU A 81 26.71 -1.01 -3.61
C LEU A 81 26.61 -2.10 -2.53
N GLU A 82 27.04 -1.77 -1.31
CA GLU A 82 26.94 -2.71 -0.19
C GLU A 82 25.48 -3.06 0.12
N GLY A 83 24.58 -2.10 -0.12
CA GLY A 83 23.15 -2.35 -0.01
C GLY A 83 22.61 -3.16 -1.17
N LEU A 84 23.26 -3.06 -2.33
CA LEU A 84 22.96 -3.93 -3.47
C LEU A 84 23.69 -5.28 -3.37
N ASN A 85 24.17 -5.62 -2.17
CA ASN A 85 24.78 -6.91 -1.90
C ASN A 85 26.15 -7.08 -2.59
N PHE A 86 26.92 -5.99 -2.65
CA PHE A 86 28.25 -6.01 -3.25
C PHE A 86 29.33 -5.60 -2.24
N ASN A 87 30.20 -6.54 -1.89
CA ASN A 87 31.36 -6.23 -1.05
C ASN A 87 32.38 -5.49 -1.92
N LEU A 88 32.73 -4.27 -1.54
CA LEU A 88 33.58 -3.42 -2.38
C LEU A 88 34.99 -3.98 -2.56
N THR A 89 35.49 -4.66 -1.53
CA THR A 89 36.83 -5.25 -1.58
C THR A 89 36.89 -6.50 -2.46
N GLU A 90 35.81 -7.29 -2.44
CA GLU A 90 35.75 -8.55 -3.19
C GLU A 90 35.61 -8.33 -4.69
N ILE A 91 34.91 -7.26 -5.07
CA ILE A 91 34.69 -6.94 -6.48
C ILE A 91 34.76 -5.42 -6.70
N PRO A 92 35.83 -4.93 -7.36
CA PRO A 92 35.97 -3.50 -7.66
C PRO A 92 34.82 -2.91 -8.48
N GLU A 93 34.53 -1.63 -8.25
CA GLU A 93 33.40 -0.96 -8.92
C GLU A 93 33.54 -0.91 -10.43
N ALA A 94 34.77 -0.73 -10.92
CA ALA A 94 35.03 -0.72 -12.36
C ALA A 94 34.52 -2.01 -13.00
N GLN A 95 34.72 -3.13 -12.31
CA GLN A 95 34.31 -4.44 -12.81
C GLN A 95 32.80 -4.67 -12.66
N ILE A 96 32.19 -4.04 -11.66
CA ILE A 96 30.75 -4.14 -11.46
C ILE A 96 30.01 -3.49 -12.61
N HIS A 97 30.32 -2.23 -12.89
CA HIS A 97 29.57 -1.43 -13.87
C HIS A 97 29.55 -2.07 -15.26
N GLU A 98 30.68 -2.65 -15.67
CA GLU A 98 30.74 -3.38 -16.94
C GLU A 98 29.96 -4.70 -16.84
N GLY A 99 29.98 -5.31 -15.66
CA GLY A 99 29.17 -6.51 -15.40
C GLY A 99 27.69 -6.24 -15.60
N PHE A 100 27.22 -5.08 -15.12
CA PHE A 100 25.85 -4.65 -15.33
C PHE A 100 25.58 -4.33 -16.80
N GLN A 101 26.56 -3.71 -17.45
CA GLN A 101 26.44 -3.38 -18.88
C GLN A 101 26.31 -4.63 -19.74
N GLU A 102 26.95 -5.72 -19.31
CA GLU A 102 26.84 -7.01 -20.01
C GLU A 102 25.42 -7.57 -19.95
N LEU A 103 24.74 -7.36 -18.82
CA LEU A 103 23.32 -7.76 -18.70
C LEU A 103 22.45 -6.93 -19.62
N LEU A 104 22.56 -5.61 -19.53
CA LEU A 104 21.80 -4.69 -20.38
C LEU A 104 22.04 -4.95 -21.86
N ARG A 105 23.25 -5.37 -22.20
CA ARG A 105 23.57 -5.78 -23.56
C ARG A 105 22.75 -7.02 -23.93
N THR A 106 22.74 -8.01 -23.03
CA THR A 106 22.05 -9.27 -23.27
C THR A 106 20.52 -9.12 -23.34
N LEU A 107 19.96 -8.26 -22.48
CA LEU A 107 18.51 -8.08 -22.41
C LEU A 107 18.01 -7.25 -23.59
N ASN A 108 18.62 -6.09 -23.79
CA ASN A 108 18.24 -5.19 -24.88
C ASN A 108 19.03 -5.50 -26.15
N GLN A 109 18.55 -6.47 -26.91
CA GLN A 109 19.21 -6.91 -28.15
C GLN A 109 18.32 -6.67 -29.36
N PRO A 110 18.92 -6.69 -30.57
CA PRO A 110 18.13 -6.78 -31.79
C PRO A 110 17.62 -8.20 -31.98
N ASP A 111 16.36 -8.34 -32.39
CA ASP A 111 15.71 -9.64 -32.55
C ASP A 111 15.76 -10.48 -31.25
N SER A 112 15.57 -9.82 -30.12
CA SER A 112 15.54 -10.50 -28.83
C SER A 112 14.14 -11.06 -28.60
N GLN A 113 14.03 -12.38 -28.53
CA GLN A 113 12.73 -13.04 -28.34
C GLN A 113 12.26 -13.04 -26.88
N LEU A 114 13.07 -12.46 -25.99
CA LEU A 114 12.66 -12.27 -24.59
C LEU A 114 11.41 -11.40 -24.52
N GLN A 115 11.36 -10.39 -25.40
CA GLN A 115 10.19 -9.53 -25.58
C GLN A 115 9.86 -8.75 -24.29
N LEU A 116 10.87 -8.06 -23.78
CA LEU A 116 10.73 -7.24 -22.57
C LEU A 116 11.20 -5.81 -22.84
N THR A 117 10.53 -4.85 -22.21
CA THR A 117 10.91 -3.44 -22.31
C THR A 117 11.23 -2.87 -20.94
N THR A 118 12.50 -2.99 -20.54
CA THR A 118 12.99 -2.36 -19.33
C THR A 118 13.54 -0.99 -19.67
N GLY A 119 13.48 -0.07 -18.71
CA GLY A 119 14.00 1.27 -18.91
C GLY A 119 14.06 2.09 -17.63
N ASN A 120 15.13 2.88 -17.50
CA ASN A 120 15.34 3.73 -16.34
C ASN A 120 15.31 5.19 -16.74
N GLY A 121 14.62 6.01 -15.95
CA GLY A 121 14.47 7.44 -16.25
C GLY A 121 14.87 8.30 -15.07
N LEU A 122 15.87 9.16 -15.27
CA LEU A 122 16.25 10.15 -14.27
C LEU A 122 15.57 11.47 -14.60
N PHE A 123 15.14 12.19 -13.56
CA PHE A 123 14.42 13.45 -13.75
C PHE A 123 14.90 14.50 -12.76
N LEU A 124 15.81 15.35 -13.23
CA LEU A 124 16.42 16.39 -12.41
C LEU A 124 15.76 17.73 -12.67
N SER A 125 15.80 18.62 -11.68
CA SER A 125 15.16 19.92 -11.80
C SER A 125 15.99 20.85 -12.69
N GLU A 126 15.32 21.54 -13.62
CA GLU A 126 15.98 22.56 -14.43
C GLU A 126 16.49 23.68 -13.54
N GLY A 127 17.73 24.10 -13.76
CA GLY A 127 18.39 25.09 -12.90
C GLY A 127 19.64 24.51 -12.26
N LEU A 128 19.60 23.23 -11.95
CA LEU A 128 20.78 22.52 -11.43
C LEU A 128 21.79 22.33 -12.56
N LYS A 129 23.01 22.83 -12.36
CA LYS A 129 24.08 22.69 -13.34
C LYS A 129 24.62 21.26 -13.27
N LEU A 130 24.18 20.43 -14.22
CA LEU A 130 24.49 19.00 -14.20
C LEU A 130 25.89 18.73 -14.71
N VAL A 131 26.52 17.69 -14.15
CA VAL A 131 27.82 17.24 -14.59
C VAL A 131 27.65 16.37 -15.83
N ASP A 132 28.46 16.62 -16.86
CA ASP A 132 28.37 15.88 -18.12
C ASP A 132 28.85 14.45 -17.96
N LYS A 133 29.94 14.26 -17.22
CA LYS A 133 30.52 12.94 -16.94
C LYS A 133 29.47 11.93 -16.50
N PHE A 134 28.59 12.34 -15.60
CA PHE A 134 27.49 11.49 -15.13
C PHE A 134 26.49 11.22 -16.26
N LEU A 135 25.95 12.29 -16.82
CA LEU A 135 24.92 12.20 -17.86
C LEU A 135 25.30 11.26 -19.01
N GLU A 136 26.51 11.40 -19.52
CA GLU A 136 26.96 10.61 -20.67
C GLU A 136 27.19 9.14 -20.32
N ASP A 137 27.65 8.87 -19.09
CA ASP A 137 27.85 7.50 -18.62
C ASP A 137 26.51 6.79 -18.35
N VAL A 138 25.48 7.58 -18.04
CA VAL A 138 24.12 7.04 -17.93
C VAL A 138 23.64 6.50 -19.28
N LYS A 139 23.91 7.25 -20.35
CA LYS A 139 23.54 6.83 -21.71
C LYS A 139 24.45 5.73 -22.25
N LYS A 140 25.76 5.85 -22.00
CA LYS A 140 26.73 4.93 -22.58
C LYS A 140 26.76 3.59 -21.85
N LEU A 141 27.14 3.63 -20.57
CA LEU A 141 27.39 2.42 -19.79
C LEU A 141 26.11 1.69 -19.40
N TYR A 142 25.03 2.44 -19.19
CA TYR A 142 23.77 1.88 -18.70
C TYR A 142 22.56 2.08 -19.63
N HIS A 143 22.79 2.65 -20.81
CA HIS A 143 21.73 2.88 -21.80
C HIS A 143 20.42 3.41 -21.20
N SER A 144 20.56 4.29 -20.21
CA SER A 144 19.42 4.95 -19.58
C SER A 144 19.40 6.39 -20.08
N GLU A 145 18.36 7.13 -19.70
CA GLU A 145 18.17 8.49 -20.20
C GLU A 145 17.65 9.44 -19.12
N ALA A 146 18.40 10.52 -18.91
CA ALA A 146 18.06 11.54 -17.92
C ALA A 146 17.30 12.69 -18.60
N PHE A 147 16.41 13.32 -17.84
CA PHE A 147 15.61 14.44 -18.34
C PHE A 147 15.63 15.61 -17.36
N THR A 148 15.23 16.77 -17.85
CA THR A 148 15.10 17.96 -17.03
C THR A 148 13.65 18.41 -16.99
N VAL A 149 13.15 18.71 -15.79
CA VAL A 149 11.74 19.06 -15.59
C VAL A 149 11.58 20.18 -14.58
N ASN A 150 10.48 20.92 -14.70
CA ASN A 150 10.12 21.96 -13.75
C ASN A 150 9.29 21.38 -12.62
N PHE A 151 9.93 21.11 -11.49
CA PHE A 151 9.24 20.55 -10.32
C PHE A 151 8.39 21.58 -9.58
N GLY A 152 8.52 22.85 -9.94
CA GLY A 152 7.65 23.91 -9.43
C GLY A 152 6.18 23.62 -9.76
N ASP A 153 5.93 23.20 -10.99
CA ASP A 153 4.63 22.71 -11.41
C ASP A 153 4.59 21.19 -11.16
N THR A 154 3.75 20.77 -10.22
CA THR A 154 3.70 19.38 -9.79
C THR A 154 2.98 18.49 -10.81
N GLU A 155 1.82 18.94 -11.26
CA GLU A 155 1.02 18.17 -12.23
C GLU A 155 1.72 18.05 -13.59
N GLU A 156 2.42 19.10 -13.99
CA GLU A 156 3.18 19.08 -15.24
C GLU A 156 4.30 18.04 -15.19
N ALA A 157 5.00 17.99 -14.06
CA ALA A 157 6.07 17.01 -13.86
C ALA A 157 5.51 15.60 -13.84
N LYS A 158 4.49 15.37 -13.01
CA LYS A 158 3.81 14.08 -12.95
C LYS A 158 3.48 13.53 -14.34
N LYS A 159 2.92 14.38 -15.20
CA LYS A 159 2.58 13.99 -16.55
C LYS A 159 3.84 13.67 -17.37
N GLN A 160 4.85 14.52 -17.24
CA GLN A 160 6.13 14.31 -17.95
C GLN A 160 6.80 12.97 -17.58
N ILE A 161 6.66 12.56 -16.32
CA ILE A 161 7.21 11.28 -15.88
C ILE A 161 6.40 10.14 -16.49
N ASN A 162 5.09 10.19 -16.29
CA ASN A 162 4.21 9.10 -16.71
C ASN A 162 4.09 8.95 -18.22
N ASP A 163 4.15 10.07 -18.94
CA ASP A 163 4.17 10.03 -20.41
C ASP A 163 5.44 9.38 -20.93
N TYR A 164 6.56 9.64 -20.26
CA TYR A 164 7.83 8.98 -20.60
C TYR A 164 7.76 7.47 -20.39
N VAL A 165 7.11 7.06 -19.31
CA VAL A 165 6.91 5.64 -19.01
C VAL A 165 5.92 5.02 -20.02
N GLU A 166 4.81 5.73 -20.26
CA GLU A 166 3.83 5.32 -21.26
C GLU A 166 4.48 5.20 -22.64
N LYS A 167 5.30 6.18 -22.99
CA LYS A 167 6.11 6.14 -24.20
C LYS A 167 7.03 4.90 -24.19
N GLY A 168 7.79 4.75 -23.12
CA GLY A 168 8.81 3.69 -23.02
C GLY A 168 8.26 2.28 -23.03
N THR A 169 7.08 2.10 -22.42
CA THR A 169 6.45 0.77 -22.34
C THR A 169 5.41 0.55 -23.45
N GLN A 170 5.44 1.39 -24.49
CA GLN A 170 4.53 1.29 -25.63
C GLN A 170 3.06 1.36 -25.21
N GLY A 171 2.77 2.17 -24.21
CA GLY A 171 1.41 2.37 -23.71
C GLY A 171 0.94 1.37 -22.67
N LYS A 172 1.83 0.48 -22.22
CA LYS A 172 1.46 -0.57 -21.28
C LYS A 172 1.31 -0.03 -19.86
N ILE A 173 2.40 0.51 -19.31
CA ILE A 173 2.39 1.11 -17.97
C ILE A 173 2.00 2.57 -18.08
N VAL A 174 0.99 2.98 -17.32
CA VAL A 174 0.46 4.34 -17.37
C VAL A 174 0.19 4.89 -15.96
N ASP A 175 0.39 6.20 -15.80
CA ASP A 175 0.17 6.88 -14.53
C ASP A 175 0.91 6.20 -13.38
N LEU A 176 2.22 6.05 -13.54
CA LEU A 176 3.06 5.39 -12.54
C LEU A 176 3.17 6.25 -11.29
N VAL A 177 3.68 7.47 -11.45
CA VAL A 177 3.84 8.40 -10.33
C VAL A 177 2.49 9.00 -9.97
N LYS A 178 1.94 8.58 -8.83
CA LYS A 178 0.64 9.06 -8.36
C LYS A 178 0.76 10.45 -7.73
N GLU A 179 1.90 10.73 -7.11
CA GLU A 179 2.12 12.00 -6.43
C GLU A 179 3.60 12.39 -6.42
N LEU A 180 3.85 13.70 -6.43
CA LEU A 180 5.20 14.24 -6.27
C LEU A 180 5.22 15.21 -5.11
N ASP A 181 6.35 15.31 -4.42
CA ASP A 181 6.51 16.25 -3.33
C ASP A 181 6.64 17.66 -3.89
N ARG A 182 6.29 18.65 -3.08
CA ARG A 182 6.39 20.05 -3.50
C ARG A 182 7.86 20.40 -3.76
N ASP A 183 8.76 19.86 -2.94
CA ASP A 183 10.19 20.12 -3.08
C ASP A 183 10.95 18.90 -3.63
N THR A 184 10.35 18.23 -4.61
CA THR A 184 11.05 17.19 -5.36
C THR A 184 12.10 17.87 -6.22
N VAL A 185 13.34 17.38 -6.14
CA VAL A 185 14.45 17.97 -6.91
C VAL A 185 15.07 16.98 -7.91
N PHE A 186 15.03 15.69 -7.57
CA PHE A 186 15.65 14.66 -8.38
C PHE A 186 14.87 13.36 -8.21
N ALA A 187 14.18 12.93 -9.28
CA ALA A 187 13.30 11.77 -9.23
C ALA A 187 13.81 10.66 -10.14
N LEU A 188 13.88 9.45 -9.59
CA LEU A 188 14.24 8.26 -10.36
C LEU A 188 13.00 7.40 -10.56
N VAL A 189 12.85 6.85 -11.76
CA VAL A 189 11.76 5.95 -12.07
C VAL A 189 12.29 4.77 -12.88
N ASN A 190 11.99 3.54 -12.42
CA ASN A 190 12.50 2.32 -13.04
C ASN A 190 11.39 1.34 -13.38
N TYR A 191 10.95 1.37 -14.63
CA TYR A 191 9.90 0.48 -15.11
C TYR A 191 10.49 -0.78 -15.73
N ILE A 192 9.67 -1.82 -15.85
CA ILE A 192 10.03 -3.04 -16.56
C ILE A 192 8.79 -3.88 -16.89
N PHE A 193 8.58 -4.14 -18.18
CA PHE A 193 7.46 -4.95 -18.64
C PHE A 193 7.99 -6.21 -19.31
N PHE A 194 7.24 -7.30 -19.19
CA PHE A 194 7.65 -8.59 -19.72
C PHE A 194 6.45 -9.42 -20.15
N LYS A 195 6.38 -9.76 -21.43
CA LYS A 195 5.35 -10.64 -21.96
C LYS A 195 6.02 -11.69 -22.83
N GLY A 196 6.62 -12.69 -22.19
CA GLY A 196 7.36 -13.73 -22.87
C GLY A 196 6.48 -14.85 -23.38
N LYS A 197 6.97 -15.56 -24.38
CA LYS A 197 6.26 -16.70 -24.96
C LYS A 197 6.97 -18.00 -24.58
N TRP A 198 6.20 -19.03 -24.28
CA TRP A 198 6.77 -20.31 -23.84
C TRP A 198 7.30 -21.09 -25.03
N GLU A 199 8.35 -21.87 -24.80
CA GLU A 199 8.85 -22.81 -25.80
C GLU A 199 7.80 -23.89 -26.04
N ARG A 200 7.12 -24.29 -24.96
CA ARG A 200 6.01 -25.23 -25.03
C ARG A 200 4.72 -24.50 -24.64
N PRO A 201 3.90 -24.13 -25.65
CA PRO A 201 2.68 -23.38 -25.36
C PRO A 201 1.60 -24.21 -24.66
N PHE A 202 0.71 -23.51 -23.97
CA PHE A 202 -0.52 -24.11 -23.44
C PHE A 202 -1.62 -23.90 -24.47
N GLU A 203 -2.58 -24.81 -24.50
CA GLU A 203 -3.71 -24.70 -25.43
C GLU A 203 -4.75 -23.76 -24.82
N VAL A 204 -5.32 -22.89 -25.65
CA VAL A 204 -6.31 -21.92 -25.18
C VAL A 204 -7.62 -22.64 -24.83
N LYS A 205 -8.00 -23.61 -25.65
CA LYS A 205 -9.20 -24.41 -25.41
C LYS A 205 -9.16 -25.17 -24.08
N ASP A 206 -7.97 -25.58 -23.66
CA ASP A 206 -7.79 -26.27 -22.38
C ASP A 206 -7.98 -25.33 -21.18
N THR A 207 -7.65 -24.05 -21.37
CA THR A 207 -7.76 -23.07 -20.29
C THR A 207 -9.22 -22.87 -19.88
N GLU A 208 -9.50 -23.07 -18.59
CA GLU A 208 -10.86 -22.87 -18.05
C GLU A 208 -10.82 -22.25 -16.66
N GLU A 209 -12.00 -21.82 -16.20
CA GLU A 209 -12.14 -21.16 -14.89
C GLU A 209 -11.95 -22.18 -13.76
N GLU A 210 -11.07 -21.84 -12.82
CA GLU A 210 -10.84 -22.69 -11.64
C GLU A 210 -10.62 -21.88 -10.37
N ASP A 211 -10.82 -22.51 -9.23
CA ASP A 211 -10.67 -21.86 -7.93
C ASP A 211 -9.19 -21.74 -7.54
N PHE A 212 -8.80 -20.54 -7.12
CA PHE A 212 -7.48 -20.30 -6.55
C PHE A 212 -7.65 -20.04 -5.06
N HIS A 213 -7.10 -20.94 -4.24
CA HIS A 213 -7.22 -20.85 -2.79
C HIS A 213 -6.13 -19.96 -2.21
N VAL A 214 -6.45 -18.67 -2.06
CA VAL A 214 -5.48 -17.68 -1.58
C VAL A 214 -5.11 -17.96 -0.12
N ASP A 215 -6.11 -18.37 0.66
CA ASP A 215 -5.89 -18.87 2.01
C ASP A 215 -7.04 -19.80 2.40
N GLN A 216 -7.19 -20.10 3.69
CA GLN A 216 -8.25 -21.01 4.15
C GLN A 216 -9.66 -20.46 3.95
N VAL A 217 -9.79 -19.14 3.80
CA VAL A 217 -11.10 -18.50 3.69
C VAL A 217 -11.38 -17.91 2.30
N THR A 218 -10.42 -17.18 1.74
CA THR A 218 -10.60 -16.51 0.45
C THR A 218 -10.37 -17.48 -0.71
N THR A 219 -11.27 -17.45 -1.69
CA THR A 219 -11.18 -18.31 -2.87
C THR A 219 -11.46 -17.47 -4.12
N VAL A 220 -10.59 -17.58 -5.12
CA VAL A 220 -10.62 -16.70 -6.29
C VAL A 220 -10.76 -17.47 -7.59
N LYS A 221 -11.79 -17.14 -8.36
CA LYS A 221 -12.01 -17.75 -9.67
C LYS A 221 -10.98 -17.17 -10.64
N VAL A 222 -10.12 -18.02 -11.17
CA VAL A 222 -9.08 -17.57 -12.10
C VAL A 222 -9.06 -18.42 -13.37
N PRO A 223 -8.67 -17.82 -14.51
CA PRO A 223 -8.49 -18.60 -15.71
C PRO A 223 -7.22 -19.45 -15.58
N MET A 224 -7.41 -20.75 -15.39
CA MET A 224 -6.30 -21.67 -15.15
C MET A 224 -5.88 -22.36 -16.44
N MET A 225 -4.65 -22.09 -16.89
CA MET A 225 -4.08 -22.79 -18.03
C MET A 225 -3.77 -24.21 -17.56
N LYS A 226 -3.86 -25.17 -18.47
CA LYS A 226 -3.61 -26.56 -18.10
C LYS A 226 -3.23 -27.42 -19.31
N ARG A 227 -2.12 -28.14 -19.19
CA ARG A 227 -1.62 -28.97 -20.26
C ARG A 227 -1.00 -30.25 -19.70
N LEU A 228 -1.36 -31.38 -20.30
CA LEU A 228 -0.70 -32.65 -20.03
C LEU A 228 0.51 -32.76 -20.95
N GLY A 229 1.68 -32.98 -20.36
CA GLY A 229 2.91 -33.10 -21.14
C GLY A 229 4.12 -33.30 -20.26
N MET A 230 5.30 -33.26 -20.87
CA MET A 230 6.56 -33.40 -20.16
C MET A 230 7.03 -32.02 -19.71
N PHE A 231 7.11 -31.83 -18.40
CA PHE A 231 7.61 -30.58 -17.82
C PHE A 231 8.85 -30.89 -16.98
N ASN A 232 9.80 -29.96 -16.92
CA ASN A 232 10.90 -30.08 -15.97
C ASN A 232 10.39 -29.72 -14.59
N ILE A 233 9.66 -30.65 -14.00
CA ILE A 233 8.99 -30.44 -12.73
C ILE A 233 9.40 -31.53 -11.75
N GLN A 234 9.76 -31.12 -10.54
CA GLN A 234 10.21 -32.06 -9.52
C GLN A 234 9.79 -31.58 -8.13
N HIS A 235 9.24 -32.50 -7.34
CA HIS A 235 8.88 -32.18 -5.96
C HIS A 235 10.14 -32.15 -5.11
N CYS A 236 10.46 -30.97 -4.59
CA CYS A 236 11.61 -30.79 -3.73
C CYS A 236 11.28 -31.20 -2.31
N LYS A 237 12.17 -31.97 -1.69
CA LYS A 237 12.05 -32.33 -0.29
C LYS A 237 12.74 -31.29 0.59
N LYS A 238 13.81 -30.69 0.04
CA LYS A 238 14.57 -29.65 0.73
C LYS A 238 13.70 -28.40 0.98
N LEU A 239 12.99 -27.98 -0.06
CA LEU A 239 12.10 -26.82 0.00
C LEU A 239 10.66 -27.20 0.39
N SER A 240 10.36 -28.50 0.38
CA SER A 240 8.99 -29.00 0.58
C SER A 240 8.04 -28.27 -0.37
N SER A 241 8.34 -28.36 -1.66
CA SER A 241 7.61 -27.62 -2.69
C SER A 241 7.74 -28.29 -4.05
N TRP A 242 6.67 -28.22 -4.85
CA TRP A 242 6.73 -28.62 -6.25
C TRP A 242 7.49 -27.54 -7.02
N VAL A 243 8.57 -27.92 -7.70
CA VAL A 243 9.42 -26.96 -8.39
C VAL A 243 9.32 -27.15 -9.90
N LEU A 244 8.51 -26.31 -10.55
CA LEU A 244 8.36 -26.33 -12.00
C LEU A 244 9.34 -25.36 -12.65
N LEU A 245 10.00 -25.81 -13.71
CA LEU A 245 10.81 -24.95 -14.57
C LEU A 245 10.24 -24.95 -15.98
N MET A 246 10.00 -23.77 -16.53
CA MET A 246 9.49 -23.64 -17.89
C MET A 246 10.34 -22.67 -18.70
N LYS A 247 10.81 -23.13 -19.85
CA LYS A 247 11.68 -22.35 -20.72
C LYS A 247 10.86 -21.33 -21.50
N TYR A 248 11.25 -20.06 -21.42
CA TYR A 248 10.68 -19.03 -22.27
C TYR A 248 11.33 -19.11 -23.64
N LEU A 249 10.63 -18.61 -24.65
CA LEU A 249 11.21 -18.46 -25.99
C LEU A 249 12.20 -17.31 -25.91
N GLY A 250 13.43 -17.56 -26.37
CA GLY A 250 14.54 -16.66 -26.12
C GLY A 250 15.22 -17.06 -24.82
N ASN A 251 16.43 -16.52 -24.60
CA ASN A 251 17.26 -16.96 -23.48
C ASN A 251 16.73 -16.49 -22.12
N ALA A 252 15.73 -17.20 -21.61
CA ALA A 252 15.16 -16.93 -20.30
C ALA A 252 14.39 -18.16 -19.80
N THR A 253 14.27 -18.28 -18.48
CA THR A 253 13.61 -19.43 -17.86
C THR A 253 12.78 -19.01 -16.65
N ALA A 254 11.61 -19.63 -16.50
CA ALA A 254 10.69 -19.31 -15.41
C ALA A 254 10.62 -20.47 -14.41
N ILE A 255 11.09 -20.21 -13.18
CA ILE A 255 11.03 -21.23 -12.12
C ILE A 255 9.87 -20.92 -11.19
N PHE A 256 8.87 -21.79 -11.17
CA PHE A 256 7.75 -21.65 -10.23
C PHE A 256 7.96 -22.58 -9.05
N PHE A 257 7.75 -22.07 -7.84
CA PHE A 257 7.84 -22.86 -6.62
C PHE A 257 6.45 -22.95 -5.96
N LEU A 258 5.82 -24.11 -6.05
CA LEU A 258 4.54 -24.35 -5.40
C LEU A 258 4.79 -25.04 -4.06
N PRO A 259 4.65 -24.29 -2.94
CA PRO A 259 4.91 -24.89 -1.63
C PRO A 259 3.83 -25.87 -1.21
N ASP A 260 4.21 -26.90 -0.47
CA ASP A 260 3.25 -27.87 0.06
C ASP A 260 2.38 -27.23 1.14
N GLU A 261 1.35 -27.95 1.59
CA GLU A 261 0.36 -27.39 2.50
C GLU A 261 1.02 -26.73 3.73
N GLY A 262 0.96 -25.40 3.77
CA GLY A 262 1.50 -24.63 4.88
C GLY A 262 3.01 -24.62 4.98
N LYS A 263 3.67 -24.58 3.82
CA LYS A 263 5.14 -24.60 3.76
C LYS A 263 5.69 -23.40 3.00
N LEU A 264 4.89 -22.35 2.87
CA LEU A 264 5.30 -21.16 2.13
C LEU A 264 6.41 -20.42 2.88
N GLN A 265 6.20 -20.24 4.19
CA GLN A 265 7.22 -19.64 5.06
C GLN A 265 8.53 -20.42 4.97
N HIS A 266 8.42 -21.74 5.12
CA HIS A 266 9.57 -22.65 5.00
C HIS A 266 10.28 -22.45 3.65
N LEU A 267 9.50 -22.42 2.58
CA LEU A 267 10.03 -22.24 1.22
C LEU A 267 10.84 -20.96 1.13
N GLU A 268 10.20 -19.83 1.46
CA GLU A 268 10.82 -18.51 1.33
C GLU A 268 12.17 -18.41 2.04
N ASN A 269 12.28 -19.08 3.18
CA ASN A 269 13.52 -19.06 3.97
C ASN A 269 14.62 -19.91 3.34
N GLU A 270 14.25 -21.07 2.82
CA GLU A 270 15.22 -22.06 2.33
C GLU A 270 15.82 -21.73 0.96
N LEU A 271 15.22 -20.78 0.24
CA LEU A 271 15.72 -20.41 -1.10
C LEU A 271 17.04 -19.65 -1.03
N THR A 272 18.08 -20.25 -1.62
CA THR A 272 19.36 -19.56 -1.84
C THR A 272 19.83 -19.82 -3.26
N HIS A 273 20.68 -18.92 -3.76
CA HIS A 273 21.18 -19.00 -5.14
C HIS A 273 21.76 -20.37 -5.48
N ASP A 274 22.43 -21.00 -4.52
CA ASP A 274 22.97 -22.34 -4.69
C ASP A 274 21.86 -23.35 -5.00
N ILE A 275 20.69 -23.18 -4.39
CA ILE A 275 19.55 -24.09 -4.59
C ILE A 275 18.91 -23.89 -5.95
N ILE A 276 18.74 -22.63 -6.35
CA ILE A 276 18.12 -22.30 -7.64
C ILE A 276 18.96 -22.84 -8.79
N THR A 277 20.27 -22.63 -8.73
CA THR A 277 21.19 -23.12 -9.75
C THR A 277 21.15 -24.64 -9.83
N LYS A 278 20.94 -25.30 -8.69
CA LYS A 278 20.86 -26.76 -8.62
C LYS A 278 19.67 -27.30 -9.41
N PHE A 279 18.60 -26.51 -9.49
CA PHE A 279 17.42 -26.86 -10.30
C PHE A 279 17.61 -26.54 -11.77
N LEU A 280 18.18 -25.37 -12.06
CA LEU A 280 18.38 -24.92 -13.44
C LEU A 280 19.25 -25.88 -14.24
N GLU A 281 20.29 -26.41 -13.62
CA GLU A 281 21.19 -27.36 -14.28
C GLU A 281 20.58 -28.74 -14.48
N ASN A 282 19.50 -29.04 -13.76
CA ASN A 282 18.73 -30.25 -13.99
C ASN A 282 17.93 -30.13 -15.28
N GLU A 283 18.15 -31.05 -16.21
CA GLU A 283 17.54 -31.02 -17.54
C GLU A 283 16.33 -31.94 -17.65
N ASP A 284 16.51 -33.19 -17.21
CA ASP A 284 15.51 -34.25 -17.43
C ASP A 284 14.11 -33.88 -16.95
N ARG A 285 13.11 -34.37 -17.68
CA ARG A 285 11.72 -33.98 -17.47
C ARG A 285 10.90 -35.14 -16.91
N ARG A 286 9.64 -34.84 -16.60
CA ARG A 286 8.69 -35.83 -16.11
C ARG A 286 7.30 -35.49 -16.67
N SER A 287 6.54 -36.51 -17.05
CA SER A 287 5.17 -36.31 -17.49
C SER A 287 4.35 -35.81 -16.30
N ALA A 288 3.48 -34.83 -16.54
CA ALA A 288 2.68 -34.23 -15.47
C ALA A 288 1.43 -33.53 -16.01
N SER A 289 0.39 -33.49 -15.18
CA SER A 289 -0.85 -32.79 -15.50
C SER A 289 -0.84 -31.44 -14.78
N LEU A 290 -0.23 -30.44 -15.41
CA LEU A 290 -0.02 -29.14 -14.78
C LEU A 290 -1.24 -28.22 -14.90
N HIS A 291 -1.62 -27.60 -13.78
CA HIS A 291 -2.57 -26.50 -13.78
C HIS A 291 -1.80 -25.23 -13.39
N LEU A 292 -1.64 -24.31 -14.33
CA LEU A 292 -0.92 -23.06 -14.07
C LEU A 292 -1.84 -21.87 -14.35
N PRO A 293 -1.93 -20.92 -13.43
CA PRO A 293 -2.88 -19.83 -13.60
C PRO A 293 -2.41 -18.79 -14.60
N LYS A 294 -3.28 -18.43 -15.53
CA LYS A 294 -3.07 -17.28 -16.39
C LYS A 294 -3.24 -16.05 -15.53
N LEU A 295 -2.29 -15.12 -15.61
CA LEU A 295 -2.28 -13.95 -14.74
C LEU A 295 -1.57 -12.76 -15.34
N SER A 296 -1.83 -11.59 -14.75
CA SER A 296 -1.13 -10.37 -15.09
C SER A 296 -0.87 -9.61 -13.79
N ILE A 297 0.33 -9.75 -13.25
CA ILE A 297 0.66 -9.14 -11.96
C ILE A 297 1.58 -7.93 -12.13
N THR A 298 1.30 -6.88 -11.38
CA THR A 298 2.10 -5.67 -11.38
C THR A 298 2.58 -5.40 -9.96
N GLY A 299 3.88 -5.19 -9.80
CA GLY A 299 4.44 -4.79 -8.52
C GLY A 299 4.97 -3.38 -8.60
N THR A 300 4.36 -2.47 -7.86
CA THR A 300 4.79 -1.08 -7.78
C THR A 300 5.43 -0.85 -6.41
N TYR A 301 6.61 -0.25 -6.38
CA TYR A 301 7.37 -0.09 -5.13
C TYR A 301 8.11 1.24 -5.01
N ASP A 302 7.89 1.92 -3.89
CA ASP A 302 8.65 3.12 -3.55
C ASP A 302 10.03 2.69 -3.05
N LEU A 303 10.99 2.64 -3.97
CA LEU A 303 12.34 2.13 -3.66
C LEU A 303 13.00 2.86 -2.48
N LYS A 304 12.74 4.16 -2.36
CA LYS A 304 13.20 4.93 -1.22
C LYS A 304 12.88 4.21 0.09
N SER A 305 11.61 3.85 0.24
CA SER A 305 11.13 3.12 1.40
C SER A 305 11.69 1.70 1.47
N VAL A 306 11.66 1.00 0.33
CA VAL A 306 12.00 -0.41 0.27
C VAL A 306 13.50 -0.65 0.45
N LEU A 307 14.31 0.11 -0.28
CA LEU A 307 15.76 0.00 -0.18
C LEU A 307 16.29 0.59 1.13
N GLY A 308 15.56 1.58 1.67
CA GLY A 308 15.87 2.13 3.00
C GLY A 308 15.97 1.04 4.06
N GLN A 309 15.08 0.06 3.97
CA GLN A 309 15.09 -1.09 4.87
C GLN A 309 16.31 -1.96 4.65
N LEU A 310 16.75 -2.07 3.39
CA LEU A 310 17.94 -2.87 3.05
C LEU A 310 19.26 -2.18 3.39
N GLY A 311 19.26 -0.86 3.49
CA GLY A 311 20.48 -0.11 3.83
C GLY A 311 20.73 1.14 3.00
N ILE A 312 20.05 1.26 1.86
CA ILE A 312 20.22 2.41 0.99
C ILE A 312 19.41 3.58 1.57
N THR A 313 20.08 4.49 2.25
CA THR A 313 19.39 5.59 2.94
C THR A 313 20.03 6.97 2.73
N LYS A 314 21.35 7.01 2.62
CA LYS A 314 22.09 8.27 2.59
C LYS A 314 21.84 9.05 1.30
N VAL A 315 21.61 8.34 0.19
CA VAL A 315 21.31 8.98 -1.09
C VAL A 315 19.97 9.71 -1.06
N PHE A 316 19.05 9.23 -0.23
CA PHE A 316 17.73 9.85 -0.07
C PHE A 316 17.74 10.95 1.00
N SER A 317 18.74 10.90 1.88
CA SER A 317 18.87 11.88 2.97
C SER A 317 19.37 13.23 2.46
N ASN A 318 19.41 14.21 3.37
CA ASN A 318 19.92 15.55 3.04
C ASN A 318 21.42 15.51 2.79
N GLY A 319 22.17 14.92 3.72
CA GLY A 319 23.62 14.78 3.60
C GLY A 319 24.00 13.71 2.60
N ALA A 320 23.58 13.89 1.35
CA ALA A 320 23.82 12.93 0.29
C ALA A 320 24.93 13.44 -0.60
N ASP A 321 25.91 12.59 -0.87
CA ASP A 321 27.03 12.97 -1.72
C ASP A 321 26.68 12.68 -3.18
N LEU A 322 25.95 13.61 -3.79
CA LEU A 322 25.60 13.55 -5.21
C LEU A 322 26.36 14.64 -5.98
N SER A 323 27.63 14.83 -5.62
CA SER A 323 28.48 15.81 -6.29
C SER A 323 28.78 15.42 -7.74
N GLY A 324 28.78 14.11 -8.00
CA GLY A 324 28.98 13.59 -9.35
C GLY A 324 27.85 13.89 -10.31
N VAL A 325 26.64 14.13 -9.78
CA VAL A 325 25.48 14.49 -10.60
C VAL A 325 25.48 16.00 -10.83
N THR A 326 25.52 16.76 -9.74
CA THR A 326 25.67 18.21 -9.79
C THR A 326 26.44 18.68 -8.55
N GLU A 327 27.36 19.61 -8.74
CA GLU A 327 28.25 20.05 -7.67
C GLU A 327 28.02 21.49 -7.22
N GLU A 328 27.09 22.19 -7.89
CA GLU A 328 26.77 23.58 -7.53
C GLU A 328 25.97 23.63 -6.23
N ALA A 329 24.78 23.02 -6.25
CA ALA A 329 23.88 23.00 -5.10
C ALA A 329 23.85 21.60 -4.49
N PRO A 330 23.44 21.50 -3.21
CA PRO A 330 23.27 20.18 -2.60
C PRO A 330 22.05 19.47 -3.17
N LEU A 331 22.09 18.15 -3.23
CA LEU A 331 21.03 17.36 -3.87
C LEU A 331 20.77 16.07 -3.11
N LYS A 332 19.54 15.56 -3.25
CA LYS A 332 19.14 14.27 -2.72
C LYS A 332 18.24 13.60 -3.74
N LEU A 333 18.16 12.27 -3.69
CA LEU A 333 17.20 11.53 -4.50
C LEU A 333 15.84 11.57 -3.79
N SER A 334 15.05 12.58 -4.13
CA SER A 334 13.79 12.85 -3.42
C SER A 334 12.70 11.80 -3.67
N LYS A 335 12.78 11.07 -4.78
CA LYS A 335 11.82 10.01 -5.09
C LYS A 335 12.44 8.92 -5.97
N ALA A 336 12.19 7.67 -5.60
CA ALA A 336 12.64 6.52 -6.37
C ALA A 336 11.51 5.49 -6.44
N VAL A 337 10.95 5.33 -7.63
CA VAL A 337 9.82 4.43 -7.85
C VAL A 337 10.23 3.30 -8.79
N HIS A 338 9.64 2.14 -8.60
CA HIS A 338 9.85 0.99 -9.47
C HIS A 338 8.54 0.26 -9.71
N LYS A 339 8.25 -0.05 -10.96
CA LYS A 339 7.06 -0.82 -11.31
C LYS A 339 7.41 -1.95 -12.27
N ALA A 340 7.20 -3.18 -11.82
CA ALA A 340 7.41 -4.37 -12.64
C ALA A 340 6.07 -4.97 -13.03
N VAL A 341 5.92 -5.30 -14.32
CA VAL A 341 4.69 -5.88 -14.83
C VAL A 341 4.99 -7.19 -15.55
N LEU A 342 4.26 -8.24 -15.19
CA LEU A 342 4.41 -9.55 -15.80
C LEU A 342 3.11 -9.96 -16.46
N THR A 343 3.22 -10.71 -17.55
CA THR A 343 2.06 -11.29 -18.21
C THR A 343 2.35 -12.75 -18.52
N ILE A 344 1.87 -13.63 -17.64
CA ILE A 344 1.92 -15.06 -17.89
C ILE A 344 0.64 -15.47 -18.59
N ASP A 345 0.76 -15.84 -19.86
CA ASP A 345 -0.37 -16.38 -20.62
C ASP A 345 0.08 -17.56 -21.48
N LYS A 346 -0.89 -18.20 -22.11
CA LYS A 346 -0.67 -19.49 -22.79
C LYS A 346 0.15 -19.43 -24.08
N LYS A 347 0.28 -18.26 -24.69
CA LYS A 347 0.92 -18.17 -26.01
C LYS A 347 2.36 -18.67 -26.00
N GLY A 348 2.79 -19.27 -27.11
CA GLY A 348 4.13 -19.83 -27.24
C GLY A 348 4.60 -19.93 -28.68
N CYS A 349 5.47 -20.90 -28.95
CA CYS A 349 6.03 -21.10 -30.29
C CYS A 349 5.28 -22.18 -31.08
N GLU A 350 5.56 -22.28 -32.37
CA GLU A 350 4.86 -23.20 -33.27
C GLU A 350 5.34 -24.65 -33.10
N LEU A 357 7.47 -31.70 -31.33
CA LEU A 357 6.77 -32.93 -30.94
C LEU A 357 7.15 -33.35 -29.52
N GLU A 358 6.39 -34.30 -28.98
CA GLU A 358 6.67 -34.86 -27.66
C GLU A 358 5.96 -36.21 -27.45
N ALA A 359 6.61 -37.11 -26.72
CA ALA A 359 6.05 -38.42 -26.39
C ALA A 359 5.90 -38.59 -24.88
N ILE A 360 4.71 -39.00 -24.45
CA ILE A 360 4.38 -39.13 -23.02
C ILE A 360 4.42 -40.61 -22.62
N PRO A 361 4.98 -40.91 -21.43
CA PRO A 361 5.00 -42.32 -20.96
C PRO A 361 3.62 -42.84 -20.54
N ARG A 362 3.53 -44.16 -20.37
CA ARG A 362 2.27 -44.82 -20.02
C ARG A 362 1.83 -44.58 -18.58
N SER A 363 2.76 -44.19 -17.71
CA SER A 363 2.48 -44.02 -16.28
C SER A 363 1.49 -42.89 -16.02
N ILE A 364 0.84 -42.94 -14.85
CA ILE A 364 -0.14 -41.93 -14.45
C ILE A 364 0.61 -40.68 -13.96
N PRO A 365 0.43 -39.55 -14.65
CA PRO A 365 1.17 -38.34 -14.31
C PRO A 365 0.58 -37.62 -13.10
N PRO A 366 1.43 -37.02 -12.26
CA PRO A 366 0.96 -36.29 -11.09
C PRO A 366 0.31 -34.96 -11.46
N GLU A 367 -0.85 -34.69 -10.89
CA GLU A 367 -1.63 -33.50 -11.23
C GLU A 367 -1.23 -32.32 -10.33
N VAL A 368 -0.16 -31.64 -10.71
CA VAL A 368 0.35 -30.51 -9.93
C VAL A 368 -0.44 -29.24 -10.22
N LYS A 369 -1.23 -28.80 -9.25
CA LYS A 369 -2.09 -27.64 -9.41
C LYS A 369 -1.52 -26.42 -8.72
N PHE A 370 -1.30 -25.34 -9.47
CA PHE A 370 -0.90 -24.05 -8.91
C PHE A 370 -2.15 -23.24 -8.59
N ASN A 371 -2.93 -23.73 -7.64
CA ASN A 371 -4.17 -23.08 -7.19
C ASN A 371 -4.02 -22.40 -5.81
N LYS A 372 -2.82 -22.47 -5.24
CA LYS A 372 -2.54 -21.84 -3.95
C LYS A 372 -1.30 -20.95 -4.12
N PRO A 373 -1.10 -19.98 -3.19
CA PRO A 373 0.00 -19.02 -3.39
C PRO A 373 1.35 -19.68 -3.65
N PHE A 374 2.13 -19.08 -4.55
CA PHE A 374 3.40 -19.65 -4.99
C PHE A 374 4.46 -18.57 -5.28
N VAL A 375 5.72 -18.93 -5.02
CA VAL A 375 6.85 -18.05 -5.31
C VAL A 375 7.41 -18.43 -6.67
N PHE A 376 8.09 -17.49 -7.35
CA PHE A 376 8.69 -17.79 -8.64
C PHE A 376 9.78 -16.79 -9.04
N LEU A 377 10.68 -17.21 -9.92
CA LEU A 377 11.75 -16.37 -10.44
C LEU A 377 11.83 -16.49 -11.97
N MET A 378 12.27 -15.42 -12.62
CA MET A 378 12.65 -15.46 -14.03
C MET A 378 14.16 -15.32 -14.10
N ILE A 379 14.83 -16.31 -14.67
CA ILE A 379 16.28 -16.32 -14.76
C ILE A 379 16.73 -16.20 -16.21
N GLU A 380 17.67 -15.29 -16.47
CA GLU A 380 18.29 -15.18 -17.79
C GLU A 380 19.27 -16.34 -17.93
N GLN A 381 19.15 -17.09 -19.02
CA GLN A 381 19.85 -18.38 -19.15
C GLN A 381 21.38 -18.29 -19.02
N ASN A 382 22.01 -17.45 -19.84
CA ASN A 382 23.48 -17.40 -19.91
C ASN A 382 24.14 -16.69 -18.71
N THR A 383 23.54 -15.60 -18.24
CA THR A 383 24.07 -14.89 -17.06
C THR A 383 23.55 -15.48 -15.74
N LYS A 384 22.48 -16.27 -15.81
CA LYS A 384 21.83 -16.87 -14.63
C LYS A 384 21.32 -15.83 -13.61
N SER A 385 21.13 -14.60 -14.06
CA SER A 385 20.69 -13.51 -13.19
C SER A 385 19.17 -13.46 -13.16
N PRO A 386 18.59 -13.28 -11.96
CA PRO A 386 17.14 -13.27 -11.81
C PRO A 386 16.49 -11.97 -12.26
N LEU A 387 15.99 -11.94 -13.50
CA LEU A 387 15.28 -10.77 -14.02
C LEU A 387 14.16 -10.35 -13.09
N PHE A 388 13.31 -11.31 -12.74
CA PHE A 388 12.19 -11.07 -11.83
C PHE A 388 12.20 -12.04 -10.68
N MET A 389 11.46 -11.65 -9.65
CA MET A 389 11.15 -12.52 -8.54
C MET A 389 9.82 -12.04 -7.98
N GLY A 390 9.02 -12.95 -7.47
CA GLY A 390 7.73 -12.58 -6.93
C GLY A 390 6.98 -13.73 -6.31
N LYS A 391 5.88 -13.39 -5.63
CA LYS A 391 4.98 -14.36 -5.05
C LYS A 391 3.56 -13.97 -5.42
N VAL A 392 2.81 -14.91 -6.00
CA VAL A 392 1.41 -14.69 -6.28
C VAL A 392 0.62 -15.10 -5.05
N VAL A 393 -0.06 -14.13 -4.44
CA VAL A 393 -1.01 -14.40 -3.38
C VAL A 393 -2.38 -14.52 -4.02
N ASN A 394 -2.72 -13.57 -4.88
CA ASN A 394 -3.98 -13.55 -5.61
C ASN A 394 -3.78 -13.03 -7.03
N PRO A 395 -4.01 -13.87 -8.06
CA PRO A 395 -3.83 -13.44 -9.45
C PRO A 395 -4.66 -12.24 -9.87
N THR A 396 -5.87 -12.10 -9.34
CA THR A 396 -6.75 -10.98 -9.69
C THR A 396 -6.34 -9.67 -9.00
N GLN A 397 -5.42 -9.75 -8.03
CA GLN A 397 -4.91 -8.55 -7.36
C GLN A 397 -4.14 -7.66 -8.35
N LYS A 398 -4.79 -6.58 -8.79
CA LYS A 398 -4.17 -5.65 -9.71
C LYS A 398 -3.25 -4.70 -8.96
N ASN B 28 -23.48 22.58 17.50
CA ASN B 28 -22.15 22.39 16.86
C ASN B 28 -22.20 22.74 15.37
N LYS B 29 -21.51 23.82 14.99
CA LYS B 29 -21.58 24.38 13.63
C LYS B 29 -20.51 23.82 12.69
N ILE B 30 -19.52 23.11 13.25
CA ILE B 30 -18.41 22.58 12.45
C ILE B 30 -18.69 21.17 11.88
N THR B 31 -19.82 20.58 12.26
CA THR B 31 -20.20 19.24 11.81
C THR B 31 -20.30 19.10 10.28
N PRO B 32 -21.04 20.01 9.62
CA PRO B 32 -21.17 19.89 8.16
C PRO B 32 -19.84 20.04 7.41
N ASN B 33 -18.87 20.71 8.02
CA ASN B 33 -17.53 20.82 7.44
C ASN B 33 -16.77 19.50 7.60
N LEU B 34 -16.85 18.91 8.79
CA LEU B 34 -16.28 17.59 9.04
C LEU B 34 -16.94 16.53 8.15
N ALA B 35 -18.25 16.65 7.97
CA ALA B 35 -18.99 15.73 7.12
C ALA B 35 -18.50 15.80 5.67
N GLU B 36 -18.42 17.02 5.14
CA GLU B 36 -17.95 17.23 3.77
C GLU B 36 -16.46 16.94 3.62
N PHE B 37 -15.70 17.15 4.69
CA PHE B 37 -14.29 16.74 4.73
C PHE B 37 -14.17 15.22 4.68
N ALA B 38 -15.09 14.52 5.35
CA ALA B 38 -15.11 13.06 5.36
C ALA B 38 -15.33 12.50 3.96
N PHE B 39 -16.28 13.08 3.23
CA PHE B 39 -16.63 12.58 1.90
C PHE B 39 -15.53 12.85 0.87
N SER B 40 -14.95 14.04 0.91
CA SER B 40 -13.83 14.38 0.03
C SER B 40 -12.62 13.50 0.33
N LEU B 41 -12.34 13.28 1.61
CA LEU B 41 -11.26 12.39 2.03
C LEU B 41 -11.54 10.94 1.65
N TYR B 42 -12.80 10.54 1.73
CA TYR B 42 -13.20 9.19 1.35
C TYR B 42 -13.07 8.97 -0.15
N ARG B 43 -13.69 9.85 -0.92
CA ARG B 43 -13.68 9.75 -2.38
C ARG B 43 -12.27 9.87 -2.95
N GLN B 44 -11.38 10.55 -2.21
CA GLN B 44 -9.96 10.58 -2.53
C GLN B 44 -9.38 9.17 -2.46
N LEU B 45 -9.67 8.46 -1.37
CA LEU B 45 -9.18 7.10 -1.19
C LEU B 45 -9.89 6.09 -2.08
N ALA B 46 -11.18 6.32 -2.34
CA ALA B 46 -11.95 5.46 -3.25
C ALA B 46 -11.46 5.60 -4.69
N HIS B 47 -11.01 6.79 -5.05
CA HIS B 47 -10.44 7.05 -6.37
C HIS B 47 -9.10 6.35 -6.55
N GLN B 48 -8.28 6.34 -5.50
CA GLN B 48 -6.97 5.68 -5.54
C GLN B 48 -7.09 4.20 -5.84
N SER B 49 -7.69 3.46 -4.89
CA SER B 49 -7.80 2.00 -5.00
C SER B 49 -9.26 1.57 -5.16
N ASN B 50 -9.50 0.67 -6.11
CA ASN B 50 -10.83 0.15 -6.39
C ASN B 50 -11.24 -0.96 -5.44
N SER B 51 -10.28 -1.80 -5.05
CA SER B 51 -10.54 -3.00 -4.26
C SER B 51 -9.66 -3.10 -3.03
N THR B 52 -9.67 -2.05 -2.21
CA THR B 52 -8.97 -2.05 -0.92
C THR B 52 -9.92 -1.47 0.13
N ASN B 53 -9.83 -2.00 1.35
CA ASN B 53 -10.65 -1.49 2.45
C ASN B 53 -10.30 -0.05 2.76
N ILE B 54 -11.33 0.79 2.81
CA ILE B 54 -11.19 2.17 3.26
C ILE B 54 -11.75 2.23 4.67
N PHE B 55 -10.99 2.85 5.58
CA PHE B 55 -11.48 3.11 6.93
C PHE B 55 -10.60 4.12 7.66
N PHE B 56 -11.18 5.26 7.99
CA PHE B 56 -10.46 6.32 8.69
C PHE B 56 -11.42 7.07 9.60
N SER B 57 -10.87 7.98 10.39
CA SER B 57 -11.66 8.83 11.26
C SER B 57 -11.45 10.28 10.87
N PRO B 58 -12.42 10.86 10.12
CA PRO B 58 -12.24 12.25 9.70
C PRO B 58 -12.27 13.23 10.87
N VAL B 59 -12.93 12.85 11.96
CA VAL B 59 -12.94 13.67 13.17
C VAL B 59 -11.52 13.74 13.75
N SER B 60 -10.91 12.58 13.95
CA SER B 60 -9.57 12.52 14.55
C SER B 60 -8.52 13.16 13.66
N ILE B 61 -8.59 12.89 12.36
CA ILE B 61 -7.67 13.48 11.38
C ILE B 61 -7.82 15.00 11.35
N ALA B 62 -9.07 15.47 11.30
CA ALA B 62 -9.34 16.91 11.32
C ALA B 62 -8.85 17.51 12.62
N THR B 63 -9.16 16.85 13.73
CA THR B 63 -8.68 17.27 15.05
C THR B 63 -7.17 17.39 15.06
N ALA B 64 -6.50 16.36 14.53
CA ALA B 64 -5.05 16.33 14.47
C ALA B 64 -4.48 17.57 13.82
N PHE B 65 -5.04 17.95 12.67
CA PHE B 65 -4.54 19.08 11.90
C PHE B 65 -5.18 20.41 12.31
N ALA B 66 -6.34 20.35 12.94
CA ALA B 66 -6.93 21.53 13.59
C ALA B 66 -6.06 21.92 14.78
N MET B 67 -5.52 20.92 15.47
CA MET B 67 -4.57 21.14 16.56
C MET B 67 -3.24 21.67 16.01
N LEU B 68 -2.79 21.09 14.91
CA LEU B 68 -1.56 21.52 14.26
C LEU B 68 -1.69 22.95 13.72
N SER B 69 -2.91 23.34 13.38
CA SER B 69 -3.19 24.68 12.86
C SER B 69 -2.79 25.80 13.84
N LEU B 70 -2.72 25.48 15.13
CA LEU B 70 -2.25 26.42 16.14
C LEU B 70 -0.77 26.74 15.94
N GLY B 71 0.02 25.70 15.65
CA GLY B 71 1.46 25.86 15.44
C GLY B 71 1.84 26.55 14.15
N THR B 72 0.95 26.51 13.15
CA THR B 72 1.22 27.12 11.86
C THR B 72 0.72 28.56 11.81
N LYS B 73 1.16 29.29 10.79
CA LYS B 73 0.75 30.68 10.58
C LYS B 73 0.72 31.02 9.09
N ALA B 74 0.18 32.20 8.77
CA ALA B 74 0.15 32.73 7.40
C ALA B 74 -0.58 31.80 6.42
N ASP B 75 0.01 31.54 5.26
CA ASP B 75 -0.61 30.68 4.24
C ASP B 75 -0.70 29.21 4.65
N THR B 76 0.31 28.73 5.38
CA THR B 76 0.31 27.36 5.89
C THR B 76 -0.90 27.12 6.78
N HIS B 77 -1.21 28.09 7.63
CA HIS B 77 -2.39 28.05 8.49
C HIS B 77 -3.68 28.03 7.67
N ASP B 78 -3.79 28.93 6.70
CA ASP B 78 -4.97 29.04 5.85
C ASP B 78 -5.16 27.80 4.97
N GLU B 79 -4.06 27.23 4.50
CA GLU B 79 -4.11 26.06 3.62
C GLU B 79 -4.63 24.82 4.33
N ILE B 80 -4.33 24.71 5.63
CA ILE B 80 -4.76 23.57 6.42
C ILE B 80 -6.28 23.56 6.60
N LEU B 81 -6.80 24.64 7.18
CA LEU B 81 -8.23 24.73 7.47
C LEU B 81 -9.08 24.61 6.21
N GLU B 82 -8.70 25.33 5.16
CA GLU B 82 -9.40 25.25 3.88
C GLU B 82 -9.32 23.84 3.28
N GLY B 83 -8.23 23.14 3.55
CA GLY B 83 -8.09 21.74 3.17
C GLY B 83 -8.91 20.81 4.06
N LEU B 84 -9.15 21.23 5.31
CA LEU B 84 -10.08 20.53 6.20
C LEU B 84 -11.54 20.96 5.96
N ASN B 85 -11.80 21.58 4.81
CA ASN B 85 -13.15 21.94 4.40
C ASN B 85 -13.75 23.07 5.26
N PHE B 86 -12.92 24.03 5.65
CA PHE B 86 -13.35 25.19 6.43
C PHE B 86 -13.08 26.49 5.70
N ASN B 87 -14.13 27.20 5.31
CA ASN B 87 -14.00 28.55 4.75
C ASN B 87 -13.68 29.51 5.88
N LEU B 88 -12.54 30.18 5.80
CA LEU B 88 -12.06 31.01 6.91
C LEU B 88 -12.97 32.20 7.20
N THR B 89 -13.60 32.74 6.16
CA THR B 89 -14.50 33.88 6.31
C THR B 89 -15.83 33.49 6.93
N GLU B 90 -16.32 32.30 6.58
CA GLU B 90 -17.63 31.83 7.07
C GLU B 90 -17.60 31.44 8.54
N ILE B 91 -16.46 30.93 9.00
CA ILE B 91 -16.31 30.51 10.40
C ILE B 91 -14.89 30.86 10.91
N PRO B 92 -14.79 31.85 11.82
CA PRO B 92 -13.50 32.24 12.40
C PRO B 92 -12.78 31.11 13.13
N GLU B 93 -11.44 31.14 13.10
CA GLU B 93 -10.61 30.08 13.70
C GLU B 93 -10.83 29.93 15.19
N ALA B 94 -11.03 31.05 15.89
CA ALA B 94 -11.30 31.02 17.32
C ALA B 94 -12.50 30.13 17.63
N GLN B 95 -13.52 30.21 16.78
CA GLN B 95 -14.75 29.43 16.94
C GLN B 95 -14.58 27.97 16.52
N ILE B 96 -13.68 27.72 15.57
CA ILE B 96 -13.38 26.36 15.13
C ILE B 96 -12.74 25.56 16.26
N HIS B 97 -11.65 26.08 16.81
CA HIS B 97 -10.85 25.35 17.81
C HIS B 97 -11.66 24.92 19.02
N GLU B 98 -12.56 25.78 19.49
CA GLU B 98 -13.46 25.42 20.59
C GLU B 98 -14.51 24.42 20.12
N GLY B 99 -14.94 24.53 18.86
CA GLY B 99 -15.83 23.55 18.25
C GLY B 99 -15.24 22.15 18.26
N PHE B 100 -13.95 22.06 17.95
CA PHE B 100 -13.22 20.79 18.02
C PHE B 100 -13.06 20.32 19.45
N GLN B 101 -12.81 21.25 20.37
CA GLN B 101 -12.68 20.94 21.79
C GLN B 101 -13.98 20.36 22.37
N GLU B 102 -15.12 20.82 21.85
CA GLU B 102 -16.42 20.30 22.26
C GLU B 102 -16.60 18.84 21.88
N LEU B 103 -16.06 18.45 20.71
CA LEU B 103 -16.08 17.04 20.29
C LEU B 103 -15.20 16.20 21.21
N LEU B 104 -13.95 16.62 21.38
CA LEU B 104 -13.00 15.92 22.25
C LEU B 104 -13.54 15.79 23.69
N ARG B 105 -14.28 16.80 24.13
CA ARG B 105 -14.96 16.74 25.41
C ARG B 105 -16.00 15.62 25.41
N THR B 106 -16.80 15.56 24.35
CA THR B 106 -17.89 14.59 24.24
C THR B 106 -17.37 13.15 24.10
N LEU B 107 -16.29 12.97 23.33
CA LEU B 107 -15.74 11.64 23.07
C LEU B 107 -14.99 11.11 24.29
N ASN B 108 -14.06 11.90 24.81
CA ASN B 108 -13.26 11.51 25.96
C ASN B 108 -13.94 11.95 27.26
N GLN B 109 -14.88 11.13 27.74
CA GLN B 109 -15.65 11.42 28.96
C GLN B 109 -15.35 10.39 30.05
N PRO B 110 -15.71 10.72 31.31
CA PRO B 110 -15.77 9.70 32.34
C PRO B 110 -17.04 8.86 32.18
N ASP B 111 -16.93 7.55 32.36
CA ASP B 111 -18.04 6.61 32.16
C ASP B 111 -18.66 6.75 30.76
N SER B 112 -17.81 6.92 29.75
CA SER B 112 -18.28 7.00 28.36
C SER B 112 -18.43 5.58 27.82
N GLN B 113 -19.65 5.21 27.47
CA GLN B 113 -19.93 3.86 26.96
C GLN B 113 -19.60 3.71 25.48
N LEU B 114 -19.12 4.78 24.85
CA LEU B 114 -18.63 4.71 23.47
C LEU B 114 -17.46 3.73 23.37
N GLN B 115 -16.62 3.71 24.40
CA GLN B 115 -15.53 2.74 24.55
C GLN B 115 -14.51 2.86 23.41
N LEU B 116 -14.03 4.08 23.20
CA LEU B 116 -13.04 4.36 22.16
C LEU B 116 -11.82 5.06 22.77
N THR B 117 -10.65 4.74 22.23
CA THR B 117 -9.41 5.39 22.66
C THR B 117 -8.74 6.09 21.48
N THR B 118 -9.10 7.36 21.28
CA THR B 118 -8.44 8.21 20.29
C THR B 118 -7.32 8.98 20.97
N GLY B 119 -6.27 9.30 20.21
CA GLY B 119 -5.15 10.05 20.74
C GLY B 119 -4.21 10.54 19.67
N ASN B 120 -3.69 11.75 19.87
CA ASN B 120 -2.76 12.36 18.93
C ASN B 120 -1.41 12.57 19.59
N GLY B 121 -0.34 12.25 18.87
CA GLY B 121 1.02 12.36 19.40
C GLY B 121 1.93 13.15 18.49
N LEU B 122 2.47 14.25 18.99
CA LEU B 122 3.47 15.03 18.28
C LEU B 122 4.85 14.60 18.73
N PHE B 123 5.79 14.55 17.80
CA PHE B 123 7.16 14.11 18.10
C PHE B 123 8.20 14.99 17.42
N LEU B 124 8.71 15.94 18.18
CA LEU B 124 9.68 16.91 17.69
C LEU B 124 11.09 16.51 18.09
N SER B 125 12.08 16.94 17.31
CA SER B 125 13.47 16.59 17.57
C SER B 125 14.02 17.41 18.74
N GLU B 126 14.71 16.74 19.67
CA GLU B 126 15.40 17.44 20.75
C GLU B 126 16.49 18.34 20.18
N GLY B 127 16.55 19.57 20.67
CA GLY B 127 17.46 20.58 20.12
C GLY B 127 16.69 21.78 19.59
N LEU B 128 15.50 21.53 19.03
CA LEU B 128 14.62 22.60 18.60
C LEU B 128 14.02 23.31 19.81
N LYS B 129 14.23 24.62 19.89
CA LYS B 129 13.67 25.42 20.98
C LYS B 129 12.18 25.64 20.72
N LEU B 130 11.36 24.86 21.42
CA LEU B 130 9.93 24.83 21.19
C LEU B 130 9.24 26.02 21.84
N VAL B 131 8.17 26.51 21.21
CA VAL B 131 7.35 27.57 21.76
C VAL B 131 6.39 26.96 22.77
N ASP B 132 6.28 27.59 23.93
CA ASP B 132 5.41 27.10 25.00
C ASP B 132 3.93 27.28 24.65
N LYS B 133 3.59 28.43 24.08
CA LYS B 133 2.23 28.75 23.65
C LYS B 133 1.58 27.61 22.86
N PHE B 134 2.33 27.03 21.93
CA PHE B 134 1.85 25.90 21.15
C PHE B 134 1.68 24.66 22.03
N LEU B 135 2.75 24.26 22.70
CA LEU B 135 2.77 23.06 23.52
C LEU B 135 1.62 22.99 24.52
N GLU B 136 1.38 24.08 25.22
CA GLU B 136 0.33 24.10 26.26
C GLU B 136 -1.09 24.08 25.67
N ASP B 137 -1.27 24.70 24.51
CA ASP B 137 -2.57 24.69 23.82
C ASP B 137 -2.87 23.31 23.21
N VAL B 138 -1.82 22.55 22.90
CA VAL B 138 -1.98 21.16 22.47
C VAL B 138 -2.58 20.32 23.61
N LYS B 139 -2.09 20.54 24.84
CA LYS B 139 -2.60 19.82 26.01
C LYS B 139 -3.95 20.35 26.48
N LYS B 140 -4.13 21.67 26.46
CA LYS B 140 -5.35 22.28 27.00
C LYS B 140 -6.53 22.17 26.04
N LEU B 141 -6.39 22.79 24.87
CA LEU B 141 -7.51 22.92 23.92
C LEU B 141 -7.82 21.61 23.20
N TYR B 142 -6.80 20.78 22.97
CA TYR B 142 -6.97 19.55 22.19
C TYR B 142 -6.61 18.26 22.94
N HIS B 143 -6.29 18.37 24.23
CA HIS B 143 -5.96 17.21 25.07
C HIS B 143 -5.03 16.19 24.38
N SER B 144 -4.08 16.71 23.60
CA SER B 144 -3.07 15.89 22.95
C SER B 144 -1.76 16.09 23.69
N GLU B 145 -0.73 15.33 23.29
CA GLU B 145 0.54 15.34 24.01
C GLU B 145 1.74 15.26 23.08
N ALA B 146 2.61 16.26 23.18
CA ALA B 146 3.83 16.34 22.37
C ALA B 146 5.01 15.74 23.11
N PHE B 147 5.95 15.17 22.36
CA PHE B 147 7.14 14.54 22.94
C PHE B 147 8.40 15.02 22.22
N THR B 148 9.54 14.78 22.85
CA THR B 148 10.84 15.09 22.26
C THR B 148 11.62 13.79 22.07
N VAL B 149 12.22 13.62 20.89
CA VAL B 149 12.93 12.39 20.55
C VAL B 149 14.19 12.68 19.75
N ASN B 150 15.15 11.76 19.83
CA ASN B 150 16.38 11.84 19.05
C ASN B 150 16.20 11.14 17.72
N PHE B 151 15.94 11.91 16.67
CA PHE B 151 15.75 11.35 15.32
C PHE B 151 17.06 10.93 14.65
N GLY B 152 18.19 11.26 15.28
CA GLY B 152 19.49 10.74 14.85
C GLY B 152 19.53 9.22 14.87
N ASP B 153 19.00 8.64 15.95
CA ASP B 153 18.80 7.20 16.05
C ASP B 153 17.40 6.88 15.52
N THR B 154 17.35 6.18 14.40
CA THR B 154 16.07 5.92 13.70
C THR B 154 15.26 4.83 14.41
N GLU B 155 15.90 3.73 14.76
CA GLU B 155 15.22 2.61 15.42
C GLU B 155 14.74 2.97 16.82
N GLU B 156 15.50 3.80 17.53
CA GLU B 156 15.12 4.28 18.86
C GLU B 156 13.86 5.14 18.78
N ALA B 157 13.80 6.02 17.79
CA ALA B 157 12.63 6.87 17.58
C ALA B 157 11.41 6.03 17.21
N LYS B 158 11.56 5.17 16.20
CA LYS B 158 10.50 4.24 15.79
C LYS B 158 9.85 3.54 16.97
N LYS B 159 10.68 3.02 17.88
CA LYS B 159 10.19 2.34 19.07
C LYS B 159 9.46 3.32 19.99
N GLN B 160 10.03 4.50 20.19
CA GLN B 160 9.41 5.52 21.04
C GLN B 160 8.04 5.96 20.53
N ILE B 161 7.86 5.98 19.21
CA ILE B 161 6.56 6.32 18.62
C ILE B 161 5.58 5.18 18.88
N ASN B 162 5.97 3.97 18.50
CA ASN B 162 5.09 2.81 18.55
C ASN B 162 4.75 2.38 19.97
N ASP B 163 5.70 2.53 20.89
CA ASP B 163 5.46 2.24 22.31
C ASP B 163 4.43 3.22 22.90
N TYR B 164 4.50 4.48 22.47
CA TYR B 164 3.50 5.48 22.87
C TYR B 164 2.11 5.12 22.37
N VAL B 165 2.03 4.63 21.14
CA VAL B 165 0.76 4.18 20.55
C VAL B 165 0.28 2.90 21.25
N GLU B 166 1.19 1.96 21.44
CA GLU B 166 0.89 0.73 22.18
C GLU B 166 0.39 1.06 23.59
N LYS B 167 1.10 1.97 24.25
CA LYS B 167 0.68 2.52 25.55
C LYS B 167 -0.72 3.11 25.45
N GLY B 168 -0.90 4.04 24.51
CA GLY B 168 -2.15 4.79 24.36
C GLY B 168 -3.38 3.95 24.02
N THR B 169 -3.17 2.90 23.22
CA THR B 169 -4.27 2.04 22.79
C THR B 169 -4.39 0.77 23.64
N GLN B 170 -3.75 0.78 24.81
CA GLN B 170 -3.79 -0.34 25.76
C GLN B 170 -3.30 -1.65 25.13
N GLY B 171 -2.30 -1.55 24.27
CA GLY B 171 -1.69 -2.71 23.62
C GLY B 171 -2.39 -3.17 22.35
N LYS B 172 -3.39 -2.41 21.89
CA LYS B 172 -4.16 -2.82 20.72
C LYS B 172 -3.39 -2.55 19.42
N ILE B 173 -3.07 -1.29 19.16
CA ILE B 173 -2.30 -0.90 17.97
C ILE B 173 -0.81 -0.99 18.30
N VAL B 174 -0.06 -1.72 17.47
CA VAL B 174 1.36 -1.94 17.70
C VAL B 174 2.16 -1.79 16.40
N ASP B 175 3.39 -1.29 16.52
CA ASP B 175 4.29 -1.10 15.37
C ASP B 175 3.61 -0.32 14.25
N LEU B 176 3.12 0.88 14.59
CA LEU B 176 2.44 1.73 13.63
C LEU B 176 3.42 2.28 12.59
N VAL B 177 4.44 2.99 13.07
CA VAL B 177 5.45 3.56 12.19
C VAL B 177 6.41 2.47 11.72
N LYS B 178 6.31 2.08 10.45
CA LYS B 178 7.16 1.05 9.89
C LYS B 178 8.55 1.59 9.55
N GLU B 179 8.63 2.86 9.18
CA GLU B 179 9.90 3.49 8.81
C GLU B 179 9.90 4.98 9.12
N LEU B 180 11.09 5.50 9.41
CA LEU B 180 11.30 6.94 9.57
C LEU B 180 12.40 7.39 8.63
N ASP B 181 12.31 8.63 8.16
CA ASP B 181 13.33 9.21 7.29
C ASP B 181 14.57 9.52 8.12
N ARG B 182 15.72 9.56 7.48
CA ARG B 182 16.97 9.89 8.15
C ARG B 182 16.91 11.31 8.72
N ASP B 183 16.29 12.21 7.97
CA ASP B 183 16.17 13.62 8.38
C ASP B 183 14.74 13.96 8.79
N THR B 184 14.09 13.06 9.53
CA THR B 184 12.81 13.34 10.15
C THR B 184 13.07 14.32 11.30
N VAL B 185 12.32 15.42 11.31
CA VAL B 185 12.49 16.46 12.34
C VAL B 185 11.24 16.65 13.22
N PHE B 186 10.08 16.39 12.64
CA PHE B 186 8.81 16.59 13.34
C PHE B 186 7.79 15.61 12.80
N ALA B 187 7.40 14.65 13.64
CA ALA B 187 6.50 13.56 13.24
C ALA B 187 5.18 13.62 13.99
N LEU B 188 4.08 13.54 13.24
CA LEU B 188 2.74 13.46 13.82
C LEU B 188 2.20 12.05 13.66
N VAL B 189 1.53 11.57 14.69
CA VAL B 189 0.88 10.26 14.64
C VAL B 189 -0.50 10.34 15.29
N ASN B 190 -1.52 9.90 14.57
CA ASN B 190 -2.92 10.00 15.01
C ASN B 190 -3.63 8.66 14.99
N TYR B 191 -3.67 7.99 16.14
CA TYR B 191 -4.34 6.70 16.25
C TYR B 191 -5.79 6.87 16.71
N ILE B 192 -6.59 5.84 16.50
CA ILE B 192 -7.96 5.77 17.03
C ILE B 192 -8.49 4.35 16.98
N PHE B 193 -8.89 3.84 18.15
CA PHE B 193 -9.45 2.50 18.27
C PHE B 193 -10.89 2.60 18.75
N PHE B 194 -11.73 1.67 18.32
CA PHE B 194 -13.15 1.68 18.66
C PHE B 194 -13.69 0.26 18.73
N LYS B 195 -14.19 -0.12 19.90
CA LYS B 195 -14.87 -1.40 20.08
C LYS B 195 -16.17 -1.16 20.83
N GLY B 196 -17.18 -0.69 20.10
CA GLY B 196 -18.47 -0.34 20.69
C GLY B 196 -19.39 -1.52 20.83
N LYS B 197 -20.35 -1.41 21.75
CA LYS B 197 -21.35 -2.45 21.97
C LYS B 197 -22.70 -1.96 21.48
N TRP B 198 -23.46 -2.87 20.86
CA TRP B 198 -24.76 -2.52 20.29
C TRP B 198 -25.81 -2.40 21.37
N GLU B 199 -26.79 -1.53 21.16
CA GLU B 199 -27.96 -1.46 22.04
C GLU B 199 -28.76 -2.75 21.90
N ARG B 200 -28.83 -3.25 20.68
CA ARG B 200 -29.46 -4.54 20.39
C ARG B 200 -28.39 -5.54 19.95
N PRO B 201 -27.98 -6.44 20.86
CA PRO B 201 -26.91 -7.39 20.53
C PRO B 201 -27.33 -8.46 19.52
N PHE B 202 -26.34 -9.03 18.86
CA PHE B 202 -26.53 -10.22 18.03
C PHE B 202 -26.21 -11.43 18.90
N GLU B 203 -26.85 -12.56 18.60
CA GLU B 203 -26.61 -13.80 19.34
C GLU B 203 -25.36 -14.47 18.77
N VAL B 204 -24.51 -15.00 19.65
CA VAL B 204 -23.27 -15.64 19.22
C VAL B 204 -23.58 -16.98 18.54
N LYS B 205 -24.53 -17.71 19.09
CA LYS B 205 -24.97 -18.98 18.52
C LYS B 205 -25.49 -18.85 17.09
N ASP B 206 -26.13 -17.72 16.80
CA ASP B 206 -26.65 -17.45 15.45
C ASP B 206 -25.53 -17.19 14.44
N THR B 207 -24.42 -16.63 14.91
CA THR B 207 -23.27 -16.30 14.04
C THR B 207 -22.66 -17.57 13.45
N GLU B 208 -22.60 -17.64 12.12
CA GLU B 208 -22.01 -18.78 11.42
C GLU B 208 -21.20 -18.33 10.19
N GLU B 209 -20.44 -19.27 9.64
CA GLU B 209 -19.58 -19.01 8.48
C GLU B 209 -20.43 -18.82 7.22
N GLU B 210 -20.19 -17.73 6.49
CA GLU B 210 -20.88 -17.45 5.24
C GLU B 210 -19.97 -16.81 4.20
N ASP B 211 -20.37 -16.91 2.94
CA ASP B 211 -19.60 -16.37 1.82
C ASP B 211 -19.78 -14.87 1.70
N PHE B 212 -18.68 -14.14 1.58
CA PHE B 212 -18.69 -12.72 1.29
C PHE B 212 -18.18 -12.52 -0.13
N HIS B 213 -19.05 -12.04 -1.01
CA HIS B 213 -18.72 -11.85 -2.42
C HIS B 213 -18.05 -10.49 -2.63
N VAL B 214 -16.72 -10.48 -2.60
CA VAL B 214 -15.93 -9.26 -2.72
C VAL B 214 -16.08 -8.68 -4.13
N ASP B 215 -16.11 -9.56 -5.12
CA ASP B 215 -16.45 -9.19 -6.49
C ASP B 215 -17.01 -10.43 -7.22
N GLN B 216 -17.06 -10.38 -8.56
CA GLN B 216 -17.60 -11.49 -9.34
C GLN B 216 -16.75 -12.77 -9.24
N VAL B 217 -15.48 -12.62 -8.88
CA VAL B 217 -14.55 -13.77 -8.85
C VAL B 217 -14.13 -14.18 -7.45
N THR B 218 -13.75 -13.21 -6.62
CA THR B 218 -13.25 -13.50 -5.27
C THR B 218 -14.41 -13.73 -4.30
N THR B 219 -14.30 -14.77 -3.49
CA THR B 219 -15.31 -15.11 -2.48
C THR B 219 -14.62 -15.43 -1.15
N VAL B 220 -15.10 -14.82 -0.07
CA VAL B 220 -14.41 -14.90 1.22
C VAL B 220 -15.31 -15.45 2.31
N LYS B 221 -14.86 -16.52 2.96
CA LYS B 221 -15.58 -17.11 4.08
C LYS B 221 -15.42 -16.19 5.28
N VAL B 222 -16.52 -15.65 5.79
CA VAL B 222 -16.48 -14.75 6.94
C VAL B 222 -17.49 -15.17 8.00
N PRO B 223 -17.17 -14.90 9.28
CA PRO B 223 -18.15 -15.12 10.33
C PRO B 223 -19.26 -14.08 10.24
N MET B 224 -20.43 -14.50 9.79
CA MET B 224 -21.54 -13.59 9.56
C MET B 224 -22.50 -13.59 10.75
N MET B 225 -22.61 -12.45 11.41
CA MET B 225 -23.59 -12.27 12.47
C MET B 225 -24.96 -12.20 11.80
N LYS B 226 -25.99 -12.67 12.49
CA LYS B 226 -27.33 -12.66 11.91
C LYS B 226 -28.42 -12.73 12.97
N ARG B 227 -29.37 -11.79 12.89
CA ARG B 227 -30.46 -11.71 13.85
C ARG B 227 -31.75 -11.28 13.18
N LEU B 228 -32.83 -11.99 13.49
CA LEU B 228 -34.18 -11.58 13.09
C LEU B 228 -34.70 -10.62 14.15
N GLY B 229 -35.12 -9.44 13.72
CA GLY B 229 -35.65 -8.44 14.64
C GLY B 229 -36.02 -7.15 13.94
N MET B 230 -36.37 -6.13 14.73
CA MET B 230 -36.71 -4.82 14.19
C MET B 230 -35.44 -3.97 14.11
N PHE B 231 -35.08 -3.61 12.89
CA PHE B 231 -33.92 -2.75 12.63
C PHE B 231 -34.40 -1.47 11.95
N ASN B 232 -33.72 -0.35 12.22
CA ASN B 232 -33.96 0.87 11.47
C ASN B 232 -33.30 0.73 10.11
N ILE B 233 -33.93 -0.05 9.25
CA ILE B 233 -33.36 -0.39 7.95
C ILE B 233 -34.37 -0.06 6.85
N GLN B 234 -33.90 0.63 5.81
CA GLN B 234 -34.75 1.06 4.71
C GLN B 234 -33.99 1.03 3.40
N HIS B 235 -34.62 0.48 2.36
CA HIS B 235 -34.03 0.47 1.04
C HIS B 235 -34.18 1.84 0.42
N CYS B 236 -33.05 2.51 0.21
CA CYS B 236 -33.03 3.82 -0.42
C CYS B 236 -33.14 3.69 -1.93
N LYS B 237 -34.01 4.50 -2.54
CA LYS B 237 -34.11 4.58 -3.99
C LYS B 237 -33.16 5.65 -4.53
N LYS B 238 -32.92 6.69 -3.72
CA LYS B 238 -32.01 7.78 -4.08
C LYS B 238 -30.58 7.26 -4.21
N LEU B 239 -30.15 6.47 -3.23
CA LEU B 239 -28.81 5.88 -3.22
C LEU B 239 -28.76 4.51 -3.89
N SER B 240 -29.93 3.93 -4.18
CA SER B 240 -30.03 2.56 -4.68
C SER B 240 -29.24 1.61 -3.77
N SER B 241 -29.59 1.63 -2.49
CA SER B 241 -28.86 0.88 -1.46
C SER B 241 -29.73 0.58 -0.25
N TRP B 242 -29.52 -0.58 0.37
CA TRP B 242 -30.11 -0.88 1.66
C TRP B 242 -29.38 -0.07 2.73
N VAL B 243 -30.11 0.74 3.48
CA VAL B 243 -29.51 1.64 4.47
C VAL B 243 -29.89 1.20 5.88
N LEU B 244 -28.98 0.49 6.55
CA LEU B 244 -29.17 0.05 7.92
C LEU B 244 -28.58 1.07 8.88
N LEU B 245 -29.34 1.38 9.94
CA LEU B 245 -28.83 2.18 11.06
C LEU B 245 -28.91 1.35 12.33
N MET B 246 -27.79 1.27 13.06
CA MET B 246 -27.74 0.54 14.32
C MET B 246 -27.15 1.39 15.42
N LYS B 247 -27.88 1.52 16.53
CA LYS B 247 -27.47 2.34 17.65
C LYS B 247 -26.41 1.62 18.47
N TYR B 248 -25.28 2.28 18.69
CA TYR B 248 -24.28 1.80 19.63
C TYR B 248 -24.72 2.14 21.04
N LEU B 249 -24.21 1.38 22.01
CA LEU B 249 -24.41 1.70 23.42
C LEU B 249 -23.54 2.92 23.71
N GLY B 250 -24.14 3.94 24.31
CA GLY B 250 -23.51 5.25 24.41
C GLY B 250 -23.88 6.08 23.19
N ASN B 251 -23.63 7.38 23.27
CA ASN B 251 -24.08 8.31 22.22
C ASN B 251 -23.31 8.19 20.91
N ALA B 252 -23.66 7.17 20.13
CA ALA B 252 -23.07 6.93 18.81
C ALA B 252 -23.97 6.02 17.98
N THR B 253 -23.88 6.14 16.65
CA THR B 253 -24.74 5.39 15.73
C THR B 253 -23.95 4.92 14.52
N ALA B 254 -24.23 3.71 14.06
CA ALA B 254 -23.54 3.11 12.92
C ALA B 254 -24.48 2.99 11.72
N ILE B 255 -24.18 3.73 10.65
CA ILE B 255 -24.98 3.67 9.43
C ILE B 255 -24.25 2.82 8.42
N PHE B 256 -24.82 1.67 8.07
CA PHE B 256 -24.29 0.82 7.01
C PHE B 256 -25.05 1.05 5.71
N PHE B 257 -24.33 1.21 4.60
CA PHE B 257 -24.94 1.35 3.29
C PHE B 257 -24.58 0.15 2.43
N LEU B 258 -25.55 -0.73 2.18
CA LEU B 258 -25.37 -1.88 1.29
C LEU B 258 -25.89 -1.53 -0.10
N PRO B 259 -24.98 -1.29 -1.06
CA PRO B 259 -25.43 -0.90 -2.40
C PRO B 259 -26.04 -2.07 -3.16
N ASP B 260 -27.00 -1.77 -4.02
CA ASP B 260 -27.62 -2.79 -4.87
C ASP B 260 -26.64 -3.26 -5.94
N GLU B 261 -27.00 -4.31 -6.66
CA GLU B 261 -26.08 -4.96 -7.60
C GLU B 261 -25.44 -3.95 -8.55
N GLY B 262 -24.14 -3.70 -8.35
CA GLY B 262 -23.37 -2.81 -9.20
C GLY B 262 -23.72 -1.34 -9.05
N LYS B 263 -24.03 -0.93 -7.82
CA LYS B 263 -24.40 0.45 -7.54
C LYS B 263 -23.50 1.08 -6.49
N LEU B 264 -22.31 0.51 -6.28
CA LEU B 264 -21.38 1.03 -5.28
C LEU B 264 -20.84 2.39 -5.70
N GLN B 265 -20.43 2.49 -6.96
CA GLN B 265 -19.97 3.77 -7.52
C GLN B 265 -21.06 4.83 -7.38
N HIS B 266 -22.28 4.47 -7.79
CA HIS B 266 -23.45 5.35 -7.66
C HIS B 266 -23.63 5.81 -6.21
N LEU B 267 -23.57 4.86 -5.29
CA LEU B 267 -23.73 5.14 -3.86
C LEU B 267 -22.71 6.18 -3.38
N GLU B 268 -21.43 5.87 -3.59
CA GLU B 268 -20.33 6.72 -3.13
C GLU B 268 -20.46 8.18 -3.58
N ASN B 269 -20.96 8.37 -4.80
CA ASN B 269 -21.14 9.71 -5.36
C ASN B 269 -22.32 10.46 -4.74
N GLU B 270 -23.42 9.75 -4.52
CA GLU B 270 -24.68 10.36 -4.08
C GLU B 270 -24.71 10.74 -2.58
N LEU B 271 -23.76 10.22 -1.81
CA LEU B 271 -23.73 10.51 -0.36
C LEU B 271 -23.32 11.94 -0.07
N THR B 272 -24.22 12.70 0.56
CA THR B 272 -23.91 14.02 1.09
C THR B 272 -24.50 14.15 2.49
N HIS B 273 -23.92 15.07 3.28
CA HIS B 273 -24.32 15.25 4.67
C HIS B 273 -25.83 15.43 4.85
N ASP B 274 -26.45 16.12 3.89
CA ASP B 274 -27.90 16.32 3.89
C ASP B 274 -28.64 14.97 3.83
N ILE B 275 -28.09 14.02 3.08
CA ILE B 275 -28.71 12.70 2.92
C ILE B 275 -28.56 11.85 4.19
N ILE B 276 -27.37 11.89 4.79
CA ILE B 276 -27.10 11.11 6.01
C ILE B 276 -28.00 11.57 7.15
N THR B 277 -28.10 12.88 7.33
CA THR B 277 -28.95 13.46 8.37
C THR B 277 -30.41 13.07 8.15
N LYS B 278 -30.81 12.96 6.89
CA LYS B 278 -32.19 12.58 6.54
C LYS B 278 -32.52 11.16 7.02
N PHE B 279 -31.51 10.29 7.07
CA PHE B 279 -31.67 8.94 7.60
C PHE B 279 -31.63 8.89 9.13
N LEU B 280 -30.69 9.64 9.71
CA LEU B 280 -30.52 9.65 11.16
C LEU B 280 -31.78 10.10 11.90
N GLU B 281 -32.44 11.11 11.35
CA GLU B 281 -33.67 11.63 11.96
C GLU B 281 -34.87 10.71 11.80
N ASN B 282 -34.78 9.76 10.87
CA ASN B 282 -35.79 8.71 10.75
C ASN B 282 -35.66 7.71 11.89
N GLU B 283 -36.75 7.55 12.66
CA GLU B 283 -36.75 6.71 13.85
C GLU B 283 -37.36 5.33 13.58
N ASP B 284 -38.54 5.32 12.96
CA ASP B 284 -39.33 4.10 12.81
C ASP B 284 -38.55 2.92 12.20
N ARG B 285 -38.87 1.72 12.65
CA ARG B 285 -38.14 0.51 12.31
C ARG B 285 -38.96 -0.41 11.41
N ARG B 286 -38.32 -1.49 10.97
CA ARG B 286 -38.96 -2.52 10.15
C ARG B 286 -38.37 -3.87 10.54
N SER B 287 -39.22 -4.90 10.60
CA SER B 287 -38.75 -6.26 10.84
C SER B 287 -37.90 -6.71 9.66
N ALA B 288 -36.78 -7.36 9.94
CA ALA B 288 -35.85 -7.80 8.89
C ALA B 288 -34.96 -8.94 9.34
N SER B 289 -34.54 -9.76 8.38
CA SER B 289 -33.59 -10.85 8.64
C SER B 289 -32.20 -10.42 8.19
N LEU B 290 -31.49 -9.74 9.09
CA LEU B 290 -30.21 -9.13 8.77
C LEU B 290 -29.04 -10.12 8.86
N HIS B 291 -28.19 -10.13 7.83
CA HIS B 291 -26.90 -10.79 7.88
C HIS B 291 -25.83 -9.69 7.87
N LEU B 292 -25.11 -9.53 8.97
CA LEU B 292 -24.05 -8.54 9.07
C LEU B 292 -22.73 -9.22 9.43
N PRO B 293 -21.65 -8.90 8.70
CA PRO B 293 -20.40 -9.62 8.93
C PRO B 293 -19.66 -9.13 10.18
N LYS B 294 -19.26 -10.08 11.01
CA LYS B 294 -18.33 -9.80 12.10
C LYS B 294 -16.97 -9.51 11.47
N LEU B 295 -16.34 -8.42 11.88
CA LEU B 295 -15.09 -8.00 11.24
C LEU B 295 -14.21 -7.17 12.17
N SER B 296 -12.94 -7.05 11.78
CA SER B 296 -11.99 -6.18 12.44
C SER B 296 -11.14 -5.52 11.37
N ILE B 297 -11.49 -4.30 11.00
CA ILE B 297 -10.80 -3.58 9.93
C ILE B 297 -9.90 -2.49 10.48
N THR B 298 -8.71 -2.37 9.89
CA THR B 298 -7.75 -1.35 10.25
C THR B 298 -7.41 -0.55 9.00
N GLY B 299 -7.50 0.77 9.09
CA GLY B 299 -7.08 1.64 8.01
C GLY B 299 -5.86 2.44 8.46
N THR B 300 -4.73 2.19 7.80
CA THR B 300 -3.50 2.93 8.06
C THR B 300 -3.24 3.85 6.87
N TYR B 301 -2.94 5.12 7.14
CA TYR B 301 -2.79 6.12 6.08
C TYR B 301 -1.68 7.14 6.33
N ASP B 302 -0.80 7.31 5.35
CA ASP B 302 0.20 8.36 5.37
C ASP B 302 -0.48 9.69 5.02
N LEU B 303 -0.90 10.42 6.05
CA LEU B 303 -1.67 11.66 5.87
C LEU B 303 -0.98 12.67 4.96
N LYS B 304 0.36 12.74 5.05
CA LYS B 304 1.16 13.57 4.16
C LYS B 304 0.73 13.36 2.71
N SER B 305 0.72 12.10 2.30
CA SER B 305 0.31 11.72 0.96
C SER B 305 -1.18 11.97 0.72
N VAL B 306 -2.00 11.55 1.68
CA VAL B 306 -3.45 11.56 1.52
C VAL B 306 -4.01 12.98 1.53
N LEU B 307 -3.59 13.77 2.51
CA LEU B 307 -4.05 15.15 2.62
C LEU B 307 -3.42 16.03 1.55
N GLY B 308 -2.22 15.66 1.09
CA GLY B 308 -1.57 16.34 -0.03
C GLY B 308 -2.48 16.41 -1.24
N GLN B 309 -3.22 15.34 -1.49
CA GLN B 309 -4.17 15.27 -2.58
C GLN B 309 -5.36 16.22 -2.34
N LEU B 310 -5.76 16.36 -1.08
CA LEU B 310 -6.86 17.24 -0.71
C LEU B 310 -6.48 18.73 -0.70
N GLY B 311 -5.20 19.03 -0.55
CA GLY B 311 -4.73 20.43 -0.55
C GLY B 311 -3.72 20.78 0.53
N ILE B 312 -3.60 19.93 1.56
CA ILE B 312 -2.66 20.18 2.66
C ILE B 312 -1.27 19.76 2.19
N THR B 313 -0.46 20.75 1.80
CA THR B 313 0.86 20.45 1.24
C THR B 313 1.99 21.31 1.81
N LYS B 314 1.69 22.58 2.12
CA LYS B 314 2.71 23.54 2.52
C LYS B 314 3.33 23.22 3.86
N VAL B 315 2.54 22.62 4.76
CA VAL B 315 3.05 22.22 6.08
C VAL B 315 4.09 21.10 5.98
N PHE B 316 3.98 20.28 4.93
CA PHE B 316 4.92 19.19 4.68
C PHE B 316 6.11 19.65 3.85
N SER B 317 5.96 20.76 3.15
CA SER B 317 7.02 21.32 2.31
C SER B 317 8.13 21.99 3.13
N ASN B 318 9.19 22.42 2.44
CA ASN B 318 10.28 23.13 3.10
C ASN B 318 9.83 24.51 3.58
N GLY B 319 9.23 25.27 2.68
CA GLY B 319 8.72 26.61 3.00
C GLY B 319 7.45 26.55 3.82
N ALA B 320 7.55 25.94 5.01
CA ALA B 320 6.41 25.74 5.89
C ALA B 320 6.50 26.75 7.03
N ASP B 321 5.40 27.45 7.28
CA ASP B 321 5.35 28.43 8.35
C ASP B 321 4.95 27.74 9.66
N LEU B 322 5.94 27.12 10.30
CA LEU B 322 5.75 26.50 11.63
C LEU B 322 6.49 27.31 12.69
N SER B 323 6.41 28.63 12.58
CA SER B 323 7.04 29.53 13.55
C SER B 323 6.38 29.43 14.92
N GLY B 324 5.09 29.10 14.92
CA GLY B 324 4.34 28.92 16.16
C GLY B 324 4.77 27.70 16.98
N VAL B 325 5.37 26.72 16.31
CA VAL B 325 5.89 25.53 17.00
C VAL B 325 7.30 25.80 17.51
N THR B 326 8.18 26.23 16.60
CA THR B 326 9.53 26.68 16.96
C THR B 326 9.97 27.75 15.96
N GLU B 327 10.61 28.79 16.46
CA GLU B 327 10.96 29.96 15.65
C GLU B 327 12.47 30.13 15.45
N GLU B 328 13.27 29.27 16.08
CA GLU B 328 14.73 29.34 15.94
C GLU B 328 15.17 28.83 14.57
N ALA B 329 14.88 27.56 14.29
CA ALA B 329 15.25 26.93 13.03
C ALA B 329 14.01 26.72 12.16
N PRO B 330 14.19 26.56 10.85
CA PRO B 330 13.07 26.22 9.98
C PRO B 330 12.61 24.79 10.21
N LEU B 331 11.32 24.53 10.02
CA LEU B 331 10.74 23.23 10.32
C LEU B 331 9.67 22.84 9.29
N LYS B 332 9.48 21.53 9.15
CA LYS B 332 8.41 20.98 8.32
C LYS B 332 7.83 19.75 9.03
N LEU B 333 6.59 19.42 8.72
CA LEU B 333 6.00 18.18 9.23
C LEU B 333 6.49 17.04 8.33
N SER B 334 7.60 16.42 8.72
CA SER B 334 8.26 15.41 7.89
C SER B 334 7.49 14.09 7.75
N LYS B 335 6.61 13.80 8.72
CA LYS B 335 5.78 12.59 8.66
C LYS B 335 4.46 12.77 9.40
N ALA B 336 3.37 12.34 8.76
CA ALA B 336 2.05 12.36 9.37
C ALA B 336 1.34 11.05 9.06
N VAL B 337 1.14 10.23 10.09
CA VAL B 337 0.53 8.91 9.95
C VAL B 337 -0.78 8.87 10.73
N HIS B 338 -1.73 8.09 10.22
CA HIS B 338 -3.01 7.89 10.89
C HIS B 338 -3.41 6.42 10.77
N LYS B 339 -3.83 5.83 11.89
CA LYS B 339 -4.33 4.46 11.89
C LYS B 339 -5.64 4.35 12.66
N ALA B 340 -6.70 3.98 11.94
CA ALA B 340 -8.02 3.77 12.55
C ALA B 340 -8.31 2.28 12.60
N VAL B 341 -8.78 1.81 13.75
CA VAL B 341 -9.10 0.40 13.96
C VAL B 341 -10.53 0.26 14.46
N LEU B 342 -11.30 -0.59 13.79
CA LEU B 342 -12.69 -0.86 14.16
C LEU B 342 -12.87 -2.33 14.51
N THR B 343 -13.76 -2.60 15.45
CA THR B 343 -14.13 -3.96 15.80
C THR B 343 -15.64 -4.05 15.86
N ILE B 344 -16.24 -4.53 14.78
CA ILE B 344 -17.66 -4.84 14.75
C ILE B 344 -17.83 -6.29 15.15
N ASP B 345 -18.41 -6.51 16.32
CA ASP B 345 -18.75 -7.85 16.78
C ASP B 345 -20.13 -7.85 17.46
N LYS B 346 -20.60 -9.04 17.80
CA LYS B 346 -21.98 -9.25 18.25
C LYS B 346 -22.29 -8.70 19.65
N LYS B 347 -21.27 -8.39 20.44
CA LYS B 347 -21.46 -7.93 21.82
C LYS B 347 -22.42 -6.75 21.93
N GLY B 348 -23.26 -6.78 22.97
CA GLY B 348 -24.22 -5.71 23.24
C GLY B 348 -24.63 -5.67 24.71
N CYS B 349 -25.85 -5.20 24.96
CA CYS B 349 -26.37 -5.09 26.33
C CYS B 349 -27.24 -6.29 26.73
N GLU B 350 -27.57 -6.37 28.01
CA GLU B 350 -28.32 -7.51 28.56
C GLU B 350 -29.83 -7.47 28.24
N ALA B 351 -30.43 -6.27 28.32
CA ALA B 351 -31.86 -6.10 28.03
C ALA B 351 -32.23 -4.62 27.99
N ALA B 359 -41.23 -8.16 20.06
CA ALA B 359 -42.26 -8.95 19.40
C ALA B 359 -42.19 -8.75 17.89
N ILE B 360 -42.16 -9.85 17.15
CA ILE B 360 -42.02 -9.83 15.69
C ILE B 360 -43.37 -10.12 15.04
N PRO B 361 -43.71 -9.38 13.95
CA PRO B 361 -44.98 -9.64 13.25
C PRO B 361 -44.99 -10.96 12.46
N ARG B 362 -46.18 -11.37 12.03
CA ARG B 362 -46.38 -12.64 11.32
C ARG B 362 -45.85 -12.61 9.87
N SER B 363 -45.68 -11.41 9.31
CA SER B 363 -45.27 -11.27 7.91
C SER B 363 -43.86 -11.80 7.66
N ILE B 364 -43.57 -12.12 6.40
CA ILE B 364 -42.27 -12.64 6.00
C ILE B 364 -41.28 -11.47 5.92
N PRO B 365 -40.23 -11.48 6.75
CA PRO B 365 -39.29 -10.37 6.78
C PRO B 365 -38.29 -10.45 5.63
N PRO B 366 -37.94 -9.28 5.04
CA PRO B 366 -36.97 -9.30 3.95
C PRO B 366 -35.57 -9.63 4.47
N GLU B 367 -34.89 -10.56 3.78
CA GLU B 367 -33.57 -11.00 4.19
C GLU B 367 -32.49 -10.10 3.58
N VAL B 368 -31.91 -9.24 4.40
CA VAL B 368 -30.88 -8.30 3.95
C VAL B 368 -29.49 -8.82 4.28
N LYS B 369 -28.73 -9.18 3.25
CA LYS B 369 -27.41 -9.77 3.42
C LYS B 369 -26.31 -8.78 3.08
N PHE B 370 -25.49 -8.45 4.07
CA PHE B 370 -24.27 -7.69 3.85
C PHE B 370 -23.14 -8.67 3.52
N ASN B 371 -23.22 -9.26 2.34
CA ASN B 371 -22.27 -10.28 1.89
C ASN B 371 -21.52 -9.80 0.64
N LYS B 372 -21.40 -8.49 0.51
CA LYS B 372 -20.77 -7.87 -0.64
C LYS B 372 -20.27 -6.49 -0.21
N PRO B 373 -19.30 -5.91 -0.95
CA PRO B 373 -18.73 -4.66 -0.47
C PRO B 373 -19.78 -3.60 -0.16
N PHE B 374 -19.59 -2.91 0.97
CA PHE B 374 -20.55 -1.92 1.45
C PHE B 374 -19.84 -0.73 2.09
N VAL B 375 -20.49 0.43 2.05
CA VAL B 375 -19.98 1.66 2.65
C VAL B 375 -20.66 1.86 4.00
N PHE B 376 -20.01 2.58 4.92
CA PHE B 376 -20.60 2.85 6.24
C PHE B 376 -19.98 4.04 6.97
N LEU B 377 -20.74 4.60 7.92
CA LEU B 377 -20.28 5.71 8.77
C LEU B 377 -20.63 5.46 10.24
N MET B 378 -19.83 6.03 11.14
CA MET B 378 -20.17 6.09 12.57
C MET B 378 -20.40 7.55 12.95
N ILE B 379 -21.63 7.86 13.34
CA ILE B 379 -22.01 9.22 13.68
C ILE B 379 -22.13 9.36 15.19
N GLU B 380 -21.55 10.42 15.74
CA GLU B 380 -21.76 10.78 17.14
C GLU B 380 -23.16 11.38 17.23
N GLN B 381 -23.98 10.85 18.13
CA GLN B 381 -25.40 11.24 18.17
C GLN B 381 -25.62 12.74 18.41
N ASN B 382 -25.11 13.25 19.52
CA ASN B 382 -25.43 14.64 19.94
C ASN B 382 -24.66 15.75 19.20
N THR B 383 -23.67 15.38 18.39
CA THR B 383 -22.97 16.35 17.52
C THR B 383 -23.06 16.02 16.02
N LYS B 384 -23.56 14.83 15.69
CA LYS B 384 -23.70 14.37 14.30
C LYS B 384 -22.40 14.34 13.50
N SER B 385 -21.26 14.43 14.19
CA SER B 385 -19.95 14.44 13.55
C SER B 385 -19.53 13.01 13.22
N PRO B 386 -19.01 12.77 12.00
CA PRO B 386 -18.67 11.41 11.59
C PRO B 386 -17.35 10.90 12.19
N LEU B 387 -17.45 10.17 13.30
CA LEU B 387 -16.27 9.55 13.92
C LEU B 387 -15.48 8.75 12.90
N PHE B 388 -16.16 7.80 12.26
CA PHE B 388 -15.54 6.96 11.26
C PHE B 388 -16.32 6.97 9.98
N MET B 389 -15.60 6.76 8.88
CA MET B 389 -16.20 6.50 7.59
C MET B 389 -15.31 5.52 6.86
N GLY B 390 -15.92 4.59 6.14
CA GLY B 390 -15.17 3.58 5.42
C GLY B 390 -15.99 2.70 4.51
N LYS B 391 -15.31 1.76 3.86
CA LYS B 391 -15.95 0.79 3.01
C LYS B 391 -15.24 -0.55 3.15
N VAL B 392 -15.96 -1.52 3.70
CA VAL B 392 -15.45 -2.88 3.79
C VAL B 392 -15.55 -3.51 2.40
N VAL B 393 -14.40 -3.73 1.78
CA VAL B 393 -14.32 -4.44 0.51
C VAL B 393 -14.15 -5.93 0.77
N ASN B 394 -13.24 -6.26 1.70
CA ASN B 394 -12.95 -7.64 2.04
C ASN B 394 -12.69 -7.77 3.55
N PRO B 395 -13.70 -8.24 4.31
CA PRO B 395 -13.64 -8.29 5.78
C PRO B 395 -12.37 -8.90 6.38
N THR B 396 -11.78 -9.88 5.71
CA THR B 396 -10.56 -10.54 6.20
C THR B 396 -9.28 -9.81 5.81
N GLN B 397 -9.39 -8.75 5.00
CA GLN B 397 -8.22 -7.97 4.59
C GLN B 397 -7.67 -7.19 5.79
N LYS B 398 -6.35 -7.23 5.94
CA LYS B 398 -5.66 -6.51 7.02
C LYS B 398 -4.97 -5.26 6.48
#